data_3DHH
#
_entry.id   3DHH
#
_cell.length_a   100.418
_cell.length_b   115.613
_cell.length_c   182.403
_cell.angle_alpha   90.000
_cell.angle_beta   90.000
_cell.angle_gamma   90.000
#
_symmetry.space_group_name_H-M   'C 2 2 21'
#
loop_
_entity.id
_entity.type
_entity.pdbx_description
1 polymer 'toluene 4-monooxygenase hydroxylase alpha subunit'
2 polymer 'toluene 4-monooxygenase hydroxylase beta subunit'
3 polymer 'toluene 4-monooxygenase hydroxylase gamma subunit'
4 polymer 'Toluene-4-monooxygenase system effector protein'
5 non-polymer 'FE (III) ION'
6 non-polymer 4-BROMOPHENOL
7 non-polymer 'PENTAETHYLENE GLYCOL'
8 non-polymer 'CHLORIDE ION'
9 non-polymer 2-[BIS-(2-HYDROXY-ETHYL)-AMINO]-2-HYDROXYMETHYL-PROPANE-1,3-DIOL
10 water water
#
loop_
_entity_poly.entity_id
_entity_poly.type
_entity_poly.pdbx_seq_one_letter_code
_entity_poly.pdbx_strand_id
1 'polypeptide(L)'
;MAMHPRKDWYELTRATNWTPSYVTEEQLFPERMSGHMGIPLEKWESYDEPYKTSYPEYVSIQREKDAGAYSVKAALERAK
IYENSDPGWISTLKSHYGAIAVGEYAAVTGEGRMARFSKAPGNRNMATFGMMDELRHGQLQLFFPHEYCKKDRQFDWAWR
AYHSNEWAAIAAKHFFDDIITGRDAISVAIMLTFSFETGFTNMQFLGLAADAAEAGDYTFANLISSIQTDESRHAQQGGP
ALQLLIENGKREEAQKKVDMAIWRAWRLFAVLTGPVMDYYTPLEDRSQSFKEFMYEWIIGQFERSLIDLGLDKPWYWDLF
LKDIDELHHSYHMGVWYWRTTAWWNPAAGVTPEERDWLEEKYPGWNKRWGRCWDVITENVLNDRMDLVSPETLPSVCNMS
QIPLVGVPGDDWNIEVFSLEHNGRLYHFGSEVDRWVFQQDPVQYQNHMNIVDRFLAGQIQPMTLEGALKYMGFQSIEEMG
KDAHDFAWADKCKPAMKKSA
;
A
2 'polypeptide(L)'
;MSFESKKPMRTWSHLAEMRKKPSEYDIVSRKLHYSTNNPDSPWELSPDSPMNLWYKQYRNASPLKHDNWDAFTDPDQLVY
RTYNLMQDGQESYVQSLFDQFNEREHDQMVREGWEHTMARCYSPLRYLFHCLQMSSAYVQQMAPASTISNCCILQTADSL
RWLTHTAYRTHELSLTYPDAGLGEHERELWEKEPGWQGLRELMEKQLTAFDWGEAFVSLNLVVKPMIVESIFKPLQQQAW
ENNDTLLPLLIDSQLKDAERHSRWSKALVKHALENPDNHAVIEGWIEKWRPLADRAAEAYLSMLSSDILPAQYLERSTSL
RASILTV
;
B
3 'polypeptide(L)'
;MSAFPVHAAFEKDFLVQLVVVDLNDSMDQVAEKVAYHCVNRRVAPREGVMRVRKHRSTELFPRDMTIAESGLNPTEVIDV
VFEE
;
C
4 'polypeptide(L)'
;MSTLADQALHNNNVGPIIRAGDLVEPVIETAEIDNPGKEITVEDRRAYVRIAAEGELILTRKTLEEQLGRPFNMQELEIN
LASFAGQIQADEDQIRFYFDKTM
;
E
#
loop_
_chem_comp.id
_chem_comp.type
_chem_comp.name
_chem_comp.formula
1PE non-polymer 'PENTAETHYLENE GLYCOL' 'C10 H22 O6'
BML non-polymer 4-BROMOPHENOL 'C6 H5 Br O'
BTB non-polymer 2-[BIS-(2-HYDROXY-ETHYL)-AMINO]-2-HYDROXYMETHYL-PROPANE-1,3-DIOL 'C8 H19 N O5'
CL non-polymer 'CHLORIDE ION' 'Cl -1'
FE non-polymer 'FE (III) ION' 'Fe 3'
#
# COMPACT_ATOMS: atom_id res chain seq x y z
N ALA A 2 -18.43 -7.67 -35.29
CA ALA A 2 -17.20 -8.33 -34.75
C ALA A 2 -16.45 -7.33 -33.87
N MET A 3 -15.64 -7.87 -32.96
CA MET A 3 -14.80 -7.07 -32.06
C MET A 3 -13.38 -7.45 -32.41
N HIS A 4 -12.45 -6.53 -32.22
CA HIS A 4 -11.05 -6.79 -32.48
C HIS A 4 -10.31 -7.12 -31.18
N PRO A 5 -9.42 -8.12 -31.21
CA PRO A 5 -8.75 -8.60 -30.00
C PRO A 5 -7.78 -7.55 -29.44
N ARG A 6 -7.63 -7.55 -28.13
CA ARG A 6 -6.86 -6.49 -27.46
C ARG A 6 -5.46 -6.40 -28.04
N LYS A 7 -4.86 -7.52 -28.42
CA LYS A 7 -3.48 -7.47 -28.95
C LYS A 7 -3.32 -6.56 -30.18
N ASP A 8 -4.39 -6.37 -30.93
CA ASP A 8 -4.35 -5.63 -32.20
C ASP A 8 -4.43 -4.14 -31.97
N TRP A 9 -4.91 -3.70 -30.81
CA TRP A 9 -5.05 -2.27 -30.54
C TRP A 9 -4.39 -1.82 -29.22
N TYR A 10 -3.85 -2.77 -28.44
CA TYR A 10 -3.27 -2.41 -27.14
C TYR A 10 -2.15 -1.35 -27.27
N GLU A 11 -1.32 -1.43 -28.30
CA GLU A 11 -0.18 -0.49 -28.40
C GLU A 11 -0.63 0.95 -28.42
N LEU A 12 -1.76 1.22 -29.08
CA LEU A 12 -2.27 2.57 -29.17
C LEU A 12 -2.69 3.10 -27.80
N THR A 13 -3.12 2.23 -26.88
CA THR A 13 -3.54 2.74 -25.54
C THR A 13 -2.33 3.29 -24.78
N ARG A 14 -1.13 2.86 -25.13
CA ARG A 14 0.08 3.36 -24.43
C ARG A 14 1.04 4.14 -25.32
N ALA A 15 0.55 4.55 -26.49
CA ALA A 15 1.30 5.48 -27.37
C ALA A 15 0.95 6.88 -26.90
N THR A 16 1.44 7.26 -25.72
CA THR A 16 1.04 8.52 -25.13
C THR A 16 2.24 9.41 -24.77
N ASN A 17 3.46 8.94 -24.99
CA ASN A 17 4.63 9.81 -24.79
C ASN A 17 4.71 10.78 -25.95
N TRP A 18 5.04 12.02 -25.63
CA TRP A 18 5.35 13.03 -26.64
C TRP A 18 6.52 13.91 -26.22
N THR A 19 7.07 14.64 -27.20
CA THR A 19 8.20 15.53 -26.93
C THR A 19 7.70 16.92 -26.54
N PRO A 20 7.81 17.28 -25.23
CA PRO A 20 7.31 18.61 -24.83
C PRO A 20 8.05 19.79 -25.50
N SER A 21 7.34 20.89 -25.65
CA SER A 21 7.83 22.07 -26.41
C SER A 21 7.52 23.38 -25.70
N TYR A 22 6.45 23.41 -24.94
CA TYR A 22 6.04 24.64 -24.31
C TYR A 22 6.54 24.69 -22.88
N VAL A 23 7.00 23.54 -22.39
CA VAL A 23 7.73 23.42 -21.14
C VAL A 23 8.81 22.41 -21.45
N THR A 24 9.83 22.32 -20.62
CA THR A 24 10.89 21.33 -20.84
C THR A 24 10.44 19.96 -20.33
N GLU A 25 11.11 18.92 -20.78
CA GLU A 25 10.87 17.54 -20.29
C GLU A 25 11.03 17.51 -18.77
N GLU A 26 12.05 18.19 -18.25
CA GLU A 26 12.31 18.17 -16.79
C GLU A 26 11.27 18.94 -16.00
N GLN A 27 10.69 20.01 -16.57
CA GLN A 27 9.58 20.68 -15.90
C GLN A 27 8.35 19.78 -15.87
N LEU A 28 8.11 19.02 -16.95
CA LEU A 28 6.91 18.17 -17.01
C LEU A 28 7.10 16.91 -16.13
N PHE A 29 8.34 16.40 -16.09
CA PHE A 29 8.67 15.25 -15.26
C PHE A 29 9.82 15.58 -14.28
N PRO A 30 9.57 16.43 -13.28
CA PRO A 30 10.68 16.78 -12.36
C PRO A 30 11.25 15.58 -11.61
N GLU A 31 12.58 15.47 -11.59
CA GLU A 31 13.25 14.31 -10.97
C GLU A 31 12.78 14.04 -9.53
N ARG A 32 12.50 15.10 -8.76
CA ARG A 32 12.05 14.91 -7.38
C ARG A 32 10.70 14.14 -7.27
N MET A 33 9.86 14.23 -8.29
CA MET A 33 8.58 13.53 -8.30
C MET A 33 8.54 12.33 -9.25
N SER A 34 9.38 12.38 -10.30
CA SER A 34 9.47 11.33 -11.33
CA SER A 34 9.46 11.30 -11.30
C SER A 34 10.49 10.23 -11.00
N GLY A 35 11.68 10.62 -10.54
CA GLY A 35 12.76 9.67 -10.27
C GLY A 35 13.34 8.91 -11.47
N HIS A 36 13.34 9.57 -12.63
CA HIS A 36 13.83 9.00 -13.89
C HIS A 36 15.35 8.84 -13.98
N MET A 37 16.07 9.36 -12.98
CA MET A 37 17.54 9.30 -12.87
C MET A 37 18.27 9.77 -14.14
N GLY A 38 17.69 10.77 -14.81
CA GLY A 38 18.25 11.36 -16.03
C GLY A 38 18.06 10.52 -17.29
N ILE A 39 17.32 9.41 -17.19
CA ILE A 39 17.08 8.53 -18.35
C ILE A 39 16.06 9.25 -19.24
N PRO A 40 16.38 9.52 -20.50
CA PRO A 40 15.47 10.25 -21.39
C PRO A 40 14.20 9.49 -21.75
N LEU A 41 13.16 10.24 -21.99
CA LEU A 41 11.87 9.78 -22.38
C LEU A 41 11.85 8.63 -23.36
N GLU A 42 12.61 8.78 -24.42
CA GLU A 42 12.62 7.75 -25.48
C GLU A 42 12.90 6.34 -24.94
N LYS A 43 13.83 6.24 -23.99
CA LYS A 43 14.21 4.95 -23.39
C LYS A 43 13.07 4.30 -22.56
N TRP A 44 12.14 5.12 -22.11
CA TRP A 44 11.01 4.64 -21.27
C TRP A 44 9.88 4.01 -22.09
N GLU A 45 9.89 4.24 -23.41
CA GLU A 45 8.89 3.63 -24.28
C GLU A 45 9.09 2.12 -24.42
N SER A 46 10.26 1.62 -24.03
CA SER A 46 10.52 0.17 -24.02
CA SER A 46 10.49 0.17 -24.04
C SER A 46 9.81 -0.55 -22.86
N TYR A 47 9.36 0.20 -21.87
CA TYR A 47 8.66 -0.40 -20.69
C TYR A 47 7.50 -1.26 -21.15
N ASP A 48 7.43 -2.51 -20.73
CA ASP A 48 6.36 -3.42 -21.18
C ASP A 48 5.74 -4.19 -20.00
N GLU A 49 4.61 -3.70 -19.51
CA GLU A 49 3.94 -4.32 -18.37
C GLU A 49 3.54 -5.74 -18.76
N PRO A 50 3.98 -6.76 -17.99
CA PRO A 50 3.64 -8.15 -18.32
C PRO A 50 2.19 -8.58 -18.00
N TYR A 51 1.51 -7.84 -17.12
CA TYR A 51 0.15 -8.21 -16.72
C TYR A 51 -0.78 -7.08 -17.14
N LYS A 52 -1.27 -7.18 -18.36
CA LYS A 52 -2.06 -6.13 -18.99
C LYS A 52 -3.53 -6.32 -18.70
N THR A 53 -4.29 -5.21 -18.72
CA THR A 53 -5.74 -5.27 -18.87
C THR A 53 -6.18 -4.03 -19.64
N SER A 54 -7.48 -3.91 -19.94
CA SER A 54 -8.03 -2.75 -20.62
C SER A 54 -9.23 -2.31 -19.82
N TYR A 55 -9.64 -1.07 -20.02
CA TYR A 55 -10.75 -0.51 -19.23
C TYR A 55 -12.05 -1.36 -19.20
N PRO A 56 -12.59 -1.75 -20.37
CA PRO A 56 -13.83 -2.53 -20.37
C PRO A 56 -13.66 -3.90 -19.66
N GLU A 57 -12.49 -4.52 -19.75
CA GLU A 57 -12.24 -5.79 -19.03
C GLU A 57 -12.17 -5.55 -17.53
N TYR A 58 -11.50 -4.47 -17.16
CA TYR A 58 -11.29 -4.12 -15.74
C TYR A 58 -12.62 -3.93 -15.04
N VAL A 59 -13.51 -3.10 -15.58
CA VAL A 59 -14.75 -2.83 -14.88
C VAL A 59 -15.67 -4.06 -14.75
N SER A 60 -15.69 -4.88 -15.80
CA SER A 60 -16.43 -6.12 -15.82
C SER A 60 -15.91 -7.13 -14.78
N ILE A 61 -14.60 -7.34 -14.77
CA ILE A 61 -13.96 -8.32 -13.89
C ILE A 61 -14.05 -7.87 -12.41
N GLN A 62 -13.78 -6.59 -12.19
CA GLN A 62 -13.82 -6.03 -10.81
C GLN A 62 -15.23 -6.00 -10.25
N ARG A 63 -16.22 -5.81 -11.13
CA ARG A 63 -17.63 -5.93 -10.75
C ARG A 63 -17.88 -7.34 -10.19
N GLU A 64 -17.39 -8.34 -10.91
CA GLU A 64 -17.56 -9.73 -10.47
C GLU A 64 -16.84 -10.02 -9.13
N LYS A 65 -15.64 -9.49 -9.00
CA LYS A 65 -14.83 -9.75 -7.78
C LYS A 65 -15.57 -9.23 -6.55
N ASP A 66 -16.09 -8.00 -6.65
CA ASP A 66 -16.79 -7.40 -5.52
C ASP A 66 -18.13 -8.09 -5.24
N ALA A 67 -18.86 -8.48 -6.29
CA ALA A 67 -20.17 -9.13 -6.10
C ALA A 67 -19.96 -10.40 -5.25
N GLY A 68 -18.90 -11.16 -5.52
CA GLY A 68 -18.58 -12.32 -4.69
C GLY A 68 -18.15 -11.95 -3.27
N ALA A 69 -17.27 -10.97 -3.10
CA ALA A 69 -16.82 -10.62 -1.73
C ALA A 69 -17.97 -10.18 -0.84
N TYR A 70 -18.83 -9.33 -1.38
CA TYR A 70 -19.97 -8.83 -0.62
C TYR A 70 -21.04 -9.90 -0.40
N SER A 71 -21.27 -10.77 -1.38
CA SER A 71 -22.25 -11.84 -1.25
C SER A 71 -21.91 -12.81 -0.12
N VAL A 72 -20.63 -13.17 -0.03
CA VAL A 72 -20.14 -14.09 1.01
C VAL A 72 -20.27 -13.44 2.39
N LYS A 73 -19.83 -12.18 2.49
CA LYS A 73 -20.03 -11.45 3.76
C LYS A 73 -21.52 -11.47 4.19
N ALA A 74 -22.41 -11.09 3.27
CA ALA A 74 -23.86 -11.04 3.57
C ALA A 74 -24.37 -12.42 3.98
N ALA A 75 -23.96 -13.47 3.29
CA ALA A 75 -24.43 -14.82 3.60
C ALA A 75 -23.96 -15.34 4.96
N LEU A 76 -22.83 -14.85 5.48
CA LEU A 76 -22.23 -15.41 6.71
C LEU A 76 -22.38 -14.52 7.93
N GLU A 77 -23.20 -13.46 7.81
CA GLU A 77 -23.38 -12.52 8.92
C GLU A 77 -23.81 -13.19 10.21
N ARG A 78 -24.55 -14.30 10.11
CA ARG A 78 -25.10 -14.97 11.30
C ARG A 78 -24.26 -16.17 11.75
N ALA A 79 -23.10 -16.32 11.17
CA ALA A 79 -22.20 -17.40 11.55
C ALA A 79 -21.54 -17.26 12.96
N LYS A 80 -21.79 -16.13 13.64
CA LYS A 80 -21.25 -15.83 14.99
C LYS A 80 -19.73 -15.91 15.11
N ILE A 81 -19.03 -15.36 14.12
CA ILE A 81 -17.57 -15.27 14.22
C ILE A 81 -17.19 -14.46 15.46
N TYR A 82 -17.76 -13.27 15.61
CA TYR A 82 -17.38 -12.41 16.73
C TYR A 82 -17.52 -13.10 18.11
N GLU A 83 -18.62 -13.83 18.27
CA GLU A 83 -19.00 -14.45 19.55
C GLU A 83 -18.32 -15.79 19.80
N ASN A 84 -18.10 -16.56 18.73
CA ASN A 84 -17.63 -17.93 18.86
C ASN A 84 -16.16 -18.18 18.59
N SER A 85 -15.50 -17.20 17.96
CA SER A 85 -14.11 -17.39 17.59
C SER A 85 -13.27 -17.23 18.85
N ASP A 86 -12.09 -17.83 18.84
CA ASP A 86 -11.13 -17.62 19.88
C ASP A 86 -10.81 -16.13 19.91
N PRO A 87 -10.72 -15.53 21.10
CA PRO A 87 -10.46 -14.10 21.11
C PRO A 87 -9.13 -13.70 20.42
N GLY A 88 -8.19 -14.62 20.32
CA GLY A 88 -6.94 -14.29 19.61
C GLY A 88 -7.17 -14.11 18.13
N TRP A 89 -8.21 -14.79 17.62
CA TRP A 89 -8.59 -14.66 16.20
C TRP A 89 -9.25 -13.29 16.03
N ILE A 90 -10.11 -12.91 16.99
CA ILE A 90 -10.73 -11.58 16.90
C ILE A 90 -9.68 -10.45 16.95
N SER A 91 -8.66 -10.61 17.82
CA SER A 91 -7.56 -9.63 17.88
C SER A 91 -6.78 -9.58 16.56
N THR A 92 -6.61 -10.72 15.91
CA THR A 92 -6.02 -10.76 14.55
C THR A 92 -6.81 -9.86 13.53
N LEU A 93 -8.15 -9.96 13.54
CA LEU A 93 -8.97 -9.10 12.67
C LEU A 93 -8.78 -7.63 13.04
N LYS A 94 -8.82 -7.34 14.34
CA LYS A 94 -8.69 -5.98 14.82
C LYS A 94 -7.35 -5.40 14.41
N SER A 95 -6.29 -6.16 14.59
CA SER A 95 -4.97 -5.66 14.21
CA SER A 95 -4.94 -5.74 14.20
C SER A 95 -4.84 -5.51 12.68
N HIS A 96 -5.31 -6.50 11.93
CA HIS A 96 -5.29 -6.42 10.47
C HIS A 96 -6.02 -5.16 9.99
N TYR A 97 -7.32 -5.01 10.31
CA TYR A 97 -8.08 -3.87 9.74
C TYR A 97 -7.46 -2.52 10.14
N GLY A 98 -7.05 -2.42 11.41
CA GLY A 98 -6.44 -1.19 11.87
C GLY A 98 -5.13 -0.88 11.18
N ALA A 99 -4.28 -1.88 11.01
CA ALA A 99 -2.91 -1.66 10.45
C ALA A 99 -2.98 -1.43 8.96
N ILE A 100 -4.10 -1.84 8.35
CA ILE A 100 -4.20 -1.95 6.88
CA ILE A 100 -4.17 -1.91 6.89
C ILE A 100 -5.13 -0.99 6.15
N ALA A 101 -6.37 -0.82 6.64
CA ALA A 101 -7.43 -0.14 5.84
C ALA A 101 -7.02 1.22 5.24
N VAL A 102 -6.51 2.08 6.10
CA VAL A 102 -6.22 3.46 5.68
C VAL A 102 -4.82 3.49 5.00
N GLY A 103 -3.98 2.50 5.26
CA GLY A 103 -2.74 2.30 4.46
C GLY A 103 -3.01 1.93 3.00
N GLU A 104 -3.98 1.03 2.76
CA GLU A 104 -4.47 0.77 1.40
C GLU A 104 -4.88 2.06 0.73
N TYR A 105 -5.69 2.87 1.41
CA TYR A 105 -6.08 4.15 0.83
C TYR A 105 -4.87 5.11 0.56
N ALA A 106 -3.87 5.14 1.46
CA ALA A 106 -2.61 5.86 1.18
C ALA A 106 -1.90 5.30 -0.08
N ALA A 107 -2.00 3.99 -0.32
CA ALA A 107 -1.40 3.41 -1.54
C ALA A 107 -2.00 3.95 -2.85
N VAL A 108 -3.26 4.42 -2.81
CA VAL A 108 -3.83 5.17 -3.97
C VAL A 108 -2.83 6.25 -4.42
N THR A 109 -2.20 6.90 -3.43
CA THR A 109 -1.31 8.05 -3.70
C THR A 109 0.03 7.60 -4.31
N GLY A 110 0.56 6.45 -3.88
CA GLY A 110 1.75 5.89 -4.54
C GLY A 110 1.45 5.63 -6.02
N GLU A 111 0.29 5.02 -6.29
CA GLU A 111 -0.12 4.69 -7.65
C GLU A 111 -0.40 5.97 -8.44
N GLY A 112 -1.04 6.95 -7.81
CA GLY A 112 -1.22 8.28 -8.48
C GLY A 112 0.08 9.02 -8.84
N ARG A 113 1.08 8.89 -7.97
CA ARG A 113 2.43 9.49 -8.19
C ARG A 113 3.00 8.91 -9.48
N MET A 114 2.86 7.60 -9.65
CA MET A 114 3.23 6.95 -10.92
C MET A 114 2.37 7.36 -12.10
N ALA A 115 1.03 7.42 -11.94
CA ALA A 115 0.14 7.74 -13.06
C ALA A 115 0.42 9.13 -13.65
N ARG A 116 0.81 10.06 -12.78
CA ARG A 116 1.20 11.42 -13.25
C ARG A 116 2.68 11.52 -13.66
N PHE A 117 3.59 10.95 -12.85
CA PHE A 117 5.00 11.32 -13.00
C PHE A 117 5.92 10.29 -13.62
N SER A 118 5.42 9.08 -13.84
CA SER A 118 6.27 8.10 -14.54
C SER A 118 6.46 8.48 -16.02
N LYS A 119 7.70 8.39 -16.54
CA LYS A 119 7.95 8.64 -17.97
C LYS A 119 7.56 7.44 -18.85
N ALA A 120 7.22 6.30 -18.23
CA ALA A 120 6.79 5.12 -19.00
C ALA A 120 5.28 5.09 -19.20
N PRO A 121 4.83 5.20 -20.48
CA PRO A 121 3.40 5.24 -20.76
C PRO A 121 2.61 4.00 -20.24
N GLY A 122 3.17 2.80 -20.37
CA GLY A 122 2.45 1.62 -19.85
C GLY A 122 2.29 1.67 -18.33
N ASN A 123 3.30 2.21 -17.65
CA ASN A 123 3.29 2.36 -16.17
C ASN A 123 2.18 3.34 -15.78
N ARG A 124 2.06 4.46 -16.48
CA ARG A 124 1.01 5.44 -16.18
C ARG A 124 -0.40 4.83 -16.28
N ASN A 125 -0.61 3.96 -17.28
CA ASN A 125 -1.93 3.33 -17.45
C ASN A 125 -2.14 2.25 -16.39
N MET A 126 -1.15 1.37 -16.20
CA MET A 126 -1.30 0.32 -15.15
C MET A 126 -1.44 0.92 -13.75
N ALA A 127 -0.79 2.06 -13.53
CA ALA A 127 -0.94 2.78 -12.23
C ALA A 127 -2.35 3.36 -12.07
N THR A 128 -3.02 3.66 -13.17
CA THR A 128 -4.40 4.14 -13.12
C THR A 128 -5.31 3.02 -12.62
N PHE A 129 -5.10 1.81 -13.13
CA PHE A 129 -5.79 0.66 -12.57
C PHE A 129 -5.35 0.39 -11.15
N GLY A 130 -4.07 0.59 -10.86
CA GLY A 130 -3.58 0.43 -9.48
C GLY A 130 -4.22 1.40 -8.51
N MET A 131 -4.41 2.64 -8.95
CA MET A 131 -5.20 3.63 -8.16
C MET A 131 -6.59 3.11 -7.80
N MET A 132 -7.30 2.58 -8.79
CA MET A 132 -8.61 2.01 -8.59
C MET A 132 -8.55 0.79 -7.65
N ASP A 133 -7.61 -0.10 -7.85
CA ASP A 133 -7.47 -1.28 -7.00
C ASP A 133 -7.30 -0.87 -5.49
N GLU A 134 -6.50 0.13 -5.22
CA GLU A 134 -6.23 0.47 -3.84
C GLU A 134 -7.43 1.18 -3.24
N LEU A 135 -8.12 1.96 -4.03
CA LEU A 135 -9.41 2.48 -3.62
C LEU A 135 -10.33 1.31 -3.20
N ARG A 136 -10.42 0.28 -4.00
CA ARG A 136 -11.21 -0.90 -3.67
C ARG A 136 -10.80 -1.42 -2.31
N HIS A 137 -9.50 -1.61 -2.13
CA HIS A 137 -9.02 -2.29 -0.93
C HIS A 137 -9.26 -1.45 0.33
N GLY A 138 -9.06 -0.14 0.20
CA GLY A 138 -9.37 0.78 1.31
C GLY A 138 -10.84 0.72 1.66
N GLN A 139 -11.70 0.71 0.64
CA GLN A 139 -13.14 0.74 0.89
C GLN A 139 -13.65 -0.60 1.44
N LEU A 140 -13.13 -1.70 0.90
CA LEU A 140 -13.51 -3.03 1.45
C LEU A 140 -13.14 -3.14 2.94
N GLN A 141 -11.93 -2.70 3.26
CA GLN A 141 -11.40 -2.97 4.61
C GLN A 141 -11.84 -1.93 5.63
N LEU A 142 -12.59 -0.92 5.17
CA LEU A 142 -13.44 -0.11 6.08
C LEU A 142 -14.84 -0.70 6.18
N PHE A 143 -15.42 -1.07 5.04
CA PHE A 143 -16.79 -1.63 5.04
C PHE A 143 -16.93 -2.91 5.87
N PHE A 144 -15.99 -3.83 5.72
CA PHE A 144 -16.08 -5.10 6.42
C PHE A 144 -16.05 -4.98 7.97
N PRO A 145 -15.05 -4.28 8.55
CA PRO A 145 -15.05 -4.15 10.03
C PRO A 145 -16.15 -3.23 10.60
N HIS A 146 -16.68 -2.34 9.79
CA HIS A 146 -17.70 -1.39 10.24
C HIS A 146 -18.85 -2.08 10.95
N GLU A 147 -19.28 -3.23 10.46
CA GLU A 147 -20.38 -3.87 11.16
C GLU A 147 -20.04 -4.22 12.60
N TYR A 148 -18.75 -4.34 12.93
CA TYR A 148 -18.37 -4.65 14.32
C TYR A 148 -18.22 -3.48 15.26
N CYS A 149 -18.24 -2.25 14.73
CA CYS A 149 -18.26 -1.05 15.58
C CYS A 149 -19.25 -1.19 16.74
N LYS A 150 -20.48 -1.62 16.44
CA LYS A 150 -21.54 -1.69 17.48
C LYS A 150 -21.28 -2.80 18.51
N LYS A 151 -20.34 -3.68 18.21
CA LYS A 151 -19.95 -4.74 19.15
C LYS A 151 -18.77 -4.35 20.05
N ASP A 152 -17.85 -3.54 19.53
CA ASP A 152 -16.53 -3.46 20.16
C ASP A 152 -15.81 -2.19 19.67
N ARG A 153 -15.52 -1.25 20.58
CA ARG A 153 -14.89 0.00 20.17
C ARG A 153 -13.49 -0.21 19.58
N GLN A 154 -12.84 -1.33 19.86
CA GLN A 154 -11.52 -1.56 19.29
C GLN A 154 -11.61 -1.65 17.75
N PHE A 155 -12.80 -2.02 17.24
CA PHE A 155 -13.02 -2.00 15.77
C PHE A 155 -13.05 -0.57 15.18
N ASP A 156 -13.26 0.46 16.01
CA ASP A 156 -13.21 1.82 15.53
C ASP A 156 -11.82 2.14 14.95
N TRP A 157 -10.83 1.36 15.34
CA TRP A 157 -9.44 1.65 14.94
C TRP A 157 -9.17 1.26 13.48
N ALA A 158 -10.07 0.48 12.87
CA ALA A 158 -10.01 0.27 11.41
C ALA A 158 -9.98 1.62 10.71
N TRP A 159 -10.76 2.58 11.22
CA TRP A 159 -10.74 3.95 10.71
C TRP A 159 -9.72 4.80 11.47
N ARG A 160 -9.68 4.65 12.79
CA ARG A 160 -8.96 5.62 13.62
C ARG A 160 -7.43 5.52 13.63
N ALA A 161 -6.88 4.32 13.46
CA ALA A 161 -5.43 4.08 13.69
C ALA A 161 -4.48 5.08 13.00
N TYR A 162 -4.67 5.28 11.70
CA TYR A 162 -3.82 6.20 10.97
C TYR A 162 -4.00 7.66 11.39
N HIS A 163 -5.10 7.97 12.07
CA HIS A 163 -5.32 9.30 12.63
C HIS A 163 -4.75 9.51 14.03
N SER A 164 -4.05 8.52 14.56
CA SER A 164 -3.54 8.54 15.94
C SER A 164 -2.02 8.58 16.01
N ASN A 165 -1.51 8.80 17.22
CA ASN A 165 -0.09 8.66 17.49
C ASN A 165 0.21 7.38 18.24
N GLU A 166 -0.65 6.37 18.08
CA GLU A 166 -0.43 5.09 18.76
C GLU A 166 0.83 4.45 18.15
N TRP A 167 1.60 3.71 18.95
CA TRP A 167 2.97 3.35 18.52
C TRP A 167 2.98 2.57 17.21
N ALA A 168 2.08 1.58 17.08
CA ALA A 168 2.04 0.76 15.87
C ALA A 168 1.56 1.56 14.65
N ALA A 169 0.67 2.52 14.88
CA ALA A 169 0.23 3.38 13.80
C ALA A 169 1.33 4.31 13.31
N ILE A 170 2.19 4.76 14.22
CA ILE A 170 3.36 5.57 13.82
C ILE A 170 4.38 4.70 13.08
N ALA A 171 4.55 3.45 13.51
CA ALA A 171 5.44 2.52 12.80
C ALA A 171 4.93 2.27 11.37
N ALA A 172 3.62 2.06 11.22
CA ALA A 172 3.01 1.85 9.90
C ALA A 172 3.15 3.09 9.04
N LYS A 173 2.83 4.26 9.60
CA LYS A 173 2.89 5.49 8.79
C LYS A 173 4.32 5.90 8.45
N HIS A 174 5.26 5.65 9.35
CA HIS A 174 6.66 6.00 9.07
C HIS A 174 7.16 5.11 7.88
N PHE A 175 6.77 3.84 7.87
CA PHE A 175 7.07 2.94 6.74
C PHE A 175 6.32 3.31 5.45
N PHE A 176 4.99 3.44 5.50
CA PHE A 176 4.23 3.72 4.25
C PHE A 176 4.52 5.11 3.72
N ASP A 177 4.76 6.06 4.63
CA ASP A 177 5.09 7.39 4.15
C ASP A 177 6.47 7.42 3.48
N ASP A 178 7.35 6.49 3.89
CA ASP A 178 8.71 6.43 3.32
C ASP A 178 8.66 5.69 1.95
N ILE A 179 7.94 4.56 1.87
CA ILE A 179 7.96 3.77 0.61
C ILE A 179 6.85 4.07 -0.39
N ILE A 180 5.73 4.62 0.11
CA ILE A 180 4.58 4.80 -0.73
C ILE A 180 4.38 6.28 -1.12
N THR A 181 4.28 7.15 -0.11
CA THR A 181 3.76 8.49 -0.39
C THR A 181 4.86 9.56 -0.38
N GLY A 182 6.06 9.18 0.04
CA GLY A 182 7.12 10.18 0.26
C GLY A 182 8.28 10.18 -0.70
N ARG A 183 8.16 9.43 -1.80
CA ARG A 183 9.23 9.35 -2.79
C ARG A 183 8.70 9.45 -4.22
N ASP A 184 9.63 9.59 -5.15
CA ASP A 184 9.35 9.79 -6.55
C ASP A 184 8.73 8.52 -7.17
N ALA A 185 8.18 8.64 -8.37
CA ALA A 185 7.39 7.57 -9.02
C ALA A 185 8.17 6.28 -9.21
N ILE A 186 9.41 6.40 -9.66
CA ILE A 186 10.27 5.24 -9.84
C ILE A 186 10.64 4.55 -8.52
N SER A 187 10.88 5.32 -7.46
CA SER A 187 11.08 4.73 -6.13
C SER A 187 9.83 3.96 -5.70
N VAL A 188 8.67 4.54 -5.95
CA VAL A 188 7.39 3.84 -5.69
C VAL A 188 7.32 2.53 -6.50
N ALA A 189 7.60 2.58 -7.80
CA ALA A 189 7.60 1.35 -8.61
C ALA A 189 8.45 0.23 -8.01
N ILE A 190 9.66 0.57 -7.57
CA ILE A 190 10.61 -0.41 -7.08
C ILE A 190 10.36 -0.81 -5.62
N MET A 191 10.17 0.16 -4.74
CA MET A 191 9.96 -0.09 -3.31
C MET A 191 8.57 -0.61 -2.99
N LEU A 192 7.56 0.00 -3.58
CA LEU A 192 6.19 -0.47 -3.36
C LEU A 192 5.83 -1.66 -4.27
N THR A 193 5.75 -1.45 -5.58
CA THR A 193 5.11 -2.51 -6.40
C THR A 193 5.99 -3.75 -6.50
N PHE A 194 7.29 -3.58 -6.63
CA PHE A 194 8.18 -4.74 -6.66
C PHE A 194 8.49 -5.28 -5.26
N SER A 195 9.19 -4.51 -4.44
CA SER A 195 9.66 -5.04 -3.14
C SER A 195 8.53 -5.45 -2.18
N PHE A 196 7.61 -4.54 -1.89
CA PHE A 196 6.56 -4.79 -0.93
C PHE A 196 5.44 -5.69 -1.49
N GLU A 197 4.94 -5.35 -2.68
CA GLU A 197 3.71 -5.99 -3.20
C GLU A 197 3.95 -7.34 -3.88
N THR A 198 5.15 -7.62 -4.38
CA THR A 198 5.41 -8.99 -4.84
C THR A 198 6.06 -9.79 -3.73
N GLY A 199 6.63 -9.11 -2.75
CA GLY A 199 7.40 -9.78 -1.72
C GLY A 199 6.60 -10.10 -0.47
N PHE A 200 6.22 -9.07 0.26
CA PHE A 200 5.73 -9.28 1.60
C PHE A 200 4.24 -9.40 1.77
N THR A 201 3.46 -8.73 0.91
CA THR A 201 2.00 -8.69 1.19
C THR A 201 1.35 -10.05 1.10
N ASN A 202 1.93 -10.97 0.31
CA ASN A 202 1.43 -12.37 0.27
C ASN A 202 1.37 -13.02 1.67
N MET A 203 2.28 -12.63 2.55
CA MET A 203 2.26 -13.14 3.94
C MET A 203 0.95 -12.82 4.67
N GLN A 204 0.53 -11.58 4.56
CA GLN A 204 -0.63 -11.06 5.27
C GLN A 204 -1.94 -11.37 4.54
N PHE A 205 -1.95 -11.38 3.22
CA PHE A 205 -3.16 -11.53 2.48
C PHE A 205 -3.40 -12.97 1.94
N LEU A 206 -2.39 -13.81 1.97
CA LEU A 206 -2.56 -15.19 1.65
C LEU A 206 -2.10 -16.15 2.78
N GLY A 207 -0.96 -15.90 3.34
CA GLY A 207 -0.53 -16.62 4.50
C GLY A 207 -1.60 -16.64 5.59
N LEU A 208 -2.06 -15.48 5.94
CA LEU A 208 -3.06 -15.32 6.96
C LEU A 208 -4.42 -15.87 6.54
N ALA A 209 -4.69 -15.81 5.25
CA ALA A 209 -5.88 -16.37 4.70
C ALA A 209 -6.01 -17.89 4.96
N ALA A 210 -4.90 -18.59 4.82
CA ALA A 210 -4.84 -20.05 5.13
C ALA A 210 -5.22 -20.25 6.58
N ASP A 211 -4.63 -19.46 7.48
CA ASP A 211 -5.03 -19.55 8.92
C ASP A 211 -6.52 -19.21 9.13
N ALA A 212 -7.00 -18.18 8.43
CA ALA A 212 -8.42 -17.79 8.50
C ALA A 212 -9.36 -18.92 8.06
N ALA A 213 -9.01 -19.61 6.97
CA ALA A 213 -9.77 -20.74 6.50
C ALA A 213 -9.71 -21.88 7.54
N GLU A 214 -8.53 -22.16 8.09
CA GLU A 214 -8.44 -23.20 9.16
C GLU A 214 -9.35 -22.81 10.34
N ALA A 215 -9.41 -21.51 10.63
CA ALA A 215 -10.22 -20.96 11.74
C ALA A 215 -11.71 -20.88 11.42
N GLY A 216 -12.10 -21.19 10.20
CA GLY A 216 -13.50 -21.14 9.84
C GLY A 216 -14.03 -19.71 9.64
N ASP A 217 -13.15 -18.77 9.36
CA ASP A 217 -13.62 -17.39 9.05
C ASP A 217 -13.52 -17.16 7.53
N TYR A 218 -14.53 -17.62 6.80
CA TYR A 218 -14.44 -17.58 5.33
C TYR A 218 -14.72 -16.18 4.81
N THR A 219 -15.51 -15.38 5.55
CA THR A 219 -15.75 -14.01 5.11
C THR A 219 -14.40 -13.30 4.93
N PHE A 220 -13.53 -13.47 5.91
CA PHE A 220 -12.23 -12.80 5.93
C PHE A 220 -11.25 -13.49 4.96
N ALA A 221 -11.14 -14.82 4.97
CA ALA A 221 -10.22 -15.47 4.04
C ALA A 221 -10.60 -15.15 2.58
N ASN A 222 -11.91 -15.15 2.29
CA ASN A 222 -12.41 -14.83 0.94
C ASN A 222 -12.09 -13.38 0.52
N LEU A 223 -12.24 -12.47 1.48
CA LEU A 223 -11.97 -11.05 1.25
C LEU A 223 -10.48 -10.81 0.94
N ILE A 224 -9.59 -11.30 1.80
CA ILE A 224 -8.18 -10.95 1.63
C ILE A 224 -7.56 -11.64 0.43
N SER A 225 -8.00 -12.87 0.12
CA SER A 225 -7.49 -13.52 -1.10
C SER A 225 -8.03 -12.82 -2.36
N SER A 226 -9.26 -12.30 -2.34
CA SER A 226 -9.75 -11.54 -3.53
C SER A 226 -8.96 -10.23 -3.72
N ILE A 227 -8.66 -9.56 -2.61
CA ILE A 227 -7.78 -8.38 -2.61
C ILE A 227 -6.39 -8.71 -3.23
N GLN A 228 -5.80 -9.84 -2.83
CA GLN A 228 -4.47 -10.17 -3.38
C GLN A 228 -4.50 -10.46 -4.91
N THR A 229 -5.66 -10.84 -5.44
CA THR A 229 -5.78 -10.98 -6.92
C THR A 229 -5.48 -9.66 -7.68
N ASP A 230 -5.86 -8.53 -7.06
CA ASP A 230 -5.55 -7.21 -7.61
C ASP A 230 -4.07 -6.89 -7.52
N GLU A 231 -3.50 -7.16 -6.35
CA GLU A 231 -2.08 -6.94 -6.06
C GLU A 231 -1.24 -7.68 -7.07
N SER A 232 -1.59 -8.93 -7.35
CA SER A 232 -0.86 -9.72 -8.34
C SER A 232 -0.73 -9.07 -9.72
N ARG A 233 -1.75 -8.34 -10.14
CA ARG A 233 -1.71 -7.52 -11.33
C ARG A 233 -0.90 -6.21 -11.16
N HIS A 234 -1.27 -5.34 -10.23
CA HIS A 234 -0.63 -4.03 -10.22
C HIS A 234 0.78 -4.13 -9.68
N ALA A 235 1.08 -5.21 -8.93
CA ALA A 235 2.47 -5.37 -8.44
C ALA A 235 3.46 -5.59 -9.59
N GLN A 236 2.95 -6.02 -10.76
CA GLN A 236 3.82 -6.28 -11.91
C GLN A 236 4.27 -5.01 -12.63
N GLN A 237 4.05 -3.85 -12.02
CA GLN A 237 4.64 -2.60 -12.54
C GLN A 237 6.14 -2.47 -12.22
N GLY A 238 6.60 -3.15 -11.18
CA GLY A 238 7.94 -2.92 -10.66
C GLY A 238 9.00 -3.59 -11.49
N GLY A 239 8.78 -4.86 -11.83
CA GLY A 239 9.76 -5.64 -12.62
C GLY A 239 10.21 -4.93 -13.90
N PRO A 240 9.25 -4.52 -14.75
CA PRO A 240 9.68 -3.79 -15.96
C PRO A 240 10.46 -2.51 -15.67
N ALA A 241 10.11 -1.79 -14.60
CA ALA A 241 10.91 -0.60 -14.24
C ALA A 241 12.32 -1.01 -13.84
N LEU A 242 12.43 -2.07 -13.05
CA LEU A 242 13.76 -2.58 -12.63
C LEU A 242 14.62 -2.98 -13.83
N GLN A 243 14.02 -3.72 -14.76
CA GLN A 243 14.71 -4.18 -15.97
C GLN A 243 15.25 -2.98 -16.76
N LEU A 244 14.42 -1.98 -16.98
CA LEU A 244 14.82 -0.73 -17.62
C LEU A 244 15.96 0.02 -16.91
N LEU A 245 15.87 0.17 -15.58
CA LEU A 245 16.94 0.81 -14.83
C LEU A 245 18.25 0.07 -15.04
N ILE A 246 18.24 -1.26 -14.93
CA ILE A 246 19.45 -2.06 -15.12
C ILE A 246 20.05 -1.86 -16.52
N GLU A 247 19.20 -1.94 -17.53
CA GLU A 247 19.56 -1.69 -18.94
C GLU A 247 20.16 -0.33 -19.21
N ASN A 248 19.74 0.66 -18.43
CA ASN A 248 20.24 2.00 -18.59
C ASN A 248 21.30 2.41 -17.57
N GLY A 249 22.04 1.45 -17.05
CA GLY A 249 23.20 1.73 -16.21
C GLY A 249 22.87 2.19 -14.79
N LYS A 250 21.66 1.87 -14.29
CA LYS A 250 21.25 2.25 -12.93
C LYS A 250 21.06 1.05 -12.01
N ARG A 251 21.78 -0.04 -12.26
CA ARG A 251 21.64 -1.23 -11.41
C ARG A 251 21.93 -0.94 -9.94
N GLU A 252 23.01 -0.19 -9.65
CA GLU A 252 23.36 -0.01 -8.24
CA GLU A 252 23.40 0.04 -8.26
C GLU A 252 22.30 0.78 -7.49
N GLU A 253 21.78 1.81 -8.13
CA GLU A 253 20.73 2.61 -7.52
C GLU A 253 19.45 1.76 -7.33
N ALA A 254 19.14 0.92 -8.30
CA ALA A 254 17.97 0.03 -8.21
C ALA A 254 18.13 -0.97 -7.05
N GLN A 255 19.28 -1.63 -6.99
CA GLN A 255 19.57 -2.59 -5.95
C GLN A 255 19.45 -1.98 -4.53
N LYS A 256 20.02 -0.79 -4.33
CA LYS A 256 19.96 -0.10 -3.03
C LYS A 256 18.52 0.17 -2.61
N LYS A 257 17.67 0.54 -3.58
CA LYS A 257 16.25 0.82 -3.29
C LYS A 257 15.50 -0.46 -2.90
N VAL A 258 15.72 -1.54 -3.65
CA VAL A 258 15.18 -2.85 -3.26
C VAL A 258 15.65 -3.27 -1.85
N ASP A 259 16.97 -3.26 -1.61
CA ASP A 259 17.53 -3.69 -0.32
C ASP A 259 16.93 -2.87 0.84
N MET A 260 16.76 -1.57 0.65
CA MET A 260 16.19 -0.74 1.71
C MET A 260 14.71 -1.10 1.97
N ALA A 261 13.93 -1.24 0.89
CA ALA A 261 12.47 -1.49 1.03
C ALA A 261 12.17 -2.85 1.67
N ILE A 262 12.94 -3.87 1.30
CA ILE A 262 12.74 -5.21 1.84
CA ILE A 262 12.72 -5.21 1.84
C ILE A 262 12.98 -5.20 3.36
N TRP A 263 14.07 -4.58 3.79
CA TRP A 263 14.37 -4.55 5.22
C TRP A 263 13.27 -3.81 6.01
N ARG A 264 12.90 -2.63 5.52
CA ARG A 264 11.87 -1.82 6.19
C ARG A 264 10.55 -2.60 6.30
N ALA A 265 10.18 -3.28 5.22
CA ALA A 265 8.96 -4.13 5.20
C ALA A 265 9.07 -5.26 6.20
N TRP A 266 10.23 -5.91 6.21
CA TRP A 266 10.48 -7.04 7.11
C TRP A 266 10.19 -6.71 8.61
N ARG A 267 10.74 -5.59 9.10
CA ARG A 267 10.61 -5.28 10.55
C ARG A 267 9.14 -5.06 10.92
N LEU A 268 8.39 -4.46 10.00
CA LEU A 268 6.95 -4.27 10.20
C LEU A 268 6.16 -5.56 10.18
N PHE A 269 6.42 -6.44 9.21
CA PHE A 269 5.76 -7.76 9.20
C PHE A 269 6.11 -8.61 10.41
N ALA A 270 7.33 -8.47 10.94
CA ALA A 270 7.72 -9.23 12.10
C ALA A 270 6.86 -8.82 13.33
N VAL A 271 6.45 -7.57 13.39
CA VAL A 271 5.64 -7.08 14.53
C VAL A 271 4.13 -7.35 14.37
N LEU A 272 3.62 -7.33 13.15
CA LEU A 272 2.19 -7.54 12.88
C LEU A 272 1.88 -9.02 12.65
N THR A 273 2.52 -9.59 11.63
CA THR A 273 2.15 -10.89 11.12
C THR A 273 2.79 -11.98 11.99
N GLY A 274 4.00 -11.73 12.45
CA GLY A 274 4.73 -12.70 13.30
C GLY A 274 3.94 -13.17 14.50
N PRO A 275 3.53 -12.23 15.38
CA PRO A 275 2.78 -12.63 16.55
C PRO A 275 1.43 -13.22 16.16
N VAL A 276 0.82 -12.73 15.07
CA VAL A 276 -0.46 -13.31 14.64
C VAL A 276 -0.29 -14.79 14.32
N MET A 277 0.74 -15.14 13.55
CA MET A 277 0.85 -16.48 13.00
C MET A 277 1.30 -17.49 14.04
N ASP A 278 2.16 -17.06 14.96
CA ASP A 278 2.73 -18.04 15.91
C ASP A 278 2.13 -17.97 17.30
N TYR A 279 1.29 -16.96 17.56
CA TYR A 279 0.72 -16.83 18.90
C TYR A 279 -0.77 -16.52 18.94
N TYR A 280 -1.27 -15.56 18.13
CA TYR A 280 -2.70 -15.19 18.27
C TYR A 280 -3.65 -16.22 17.67
N THR A 281 -3.30 -16.72 16.48
CA THR A 281 -4.04 -17.76 15.79
C THR A 281 -4.03 -19.01 16.68
N PRO A 282 -5.21 -19.62 16.96
CA PRO A 282 -5.23 -20.84 17.78
C PRO A 282 -4.31 -21.91 17.24
N LEU A 283 -3.65 -22.61 18.13
CA LEU A 283 -2.71 -23.63 17.72
C LEU A 283 -3.29 -24.53 16.60
N GLU A 284 -4.53 -24.97 16.76
CA GLU A 284 -5.18 -25.89 15.80
C GLU A 284 -5.34 -25.29 14.39
N ASP A 285 -5.27 -23.97 14.28
CA ASP A 285 -5.50 -23.25 13.00
C ASP A 285 -4.23 -22.74 12.32
N ARG A 286 -3.07 -23.11 12.88
CA ARG A 286 -1.80 -22.62 12.39
C ARG A 286 -1.38 -23.50 11.23
N SER A 287 -1.69 -23.03 10.01
CA SER A 287 -1.44 -23.82 8.81
C SER A 287 0.05 -24.15 8.67
N GLN A 288 0.90 -23.14 8.92
CA GLN A 288 2.36 -23.26 8.98
C GLN A 288 2.83 -22.22 10.00
N SER A 289 4.07 -22.35 10.45
CA SER A 289 4.64 -21.32 11.34
C SER A 289 4.96 -20.06 10.51
N PHE A 290 5.12 -18.93 11.19
CA PHE A 290 5.61 -17.68 10.55
C PHE A 290 6.88 -17.95 9.73
N LYS A 291 7.84 -18.68 10.30
CA LYS A 291 9.09 -18.94 9.60
C LYS A 291 8.85 -19.79 8.36
N GLU A 292 7.97 -20.79 8.47
CA GLU A 292 7.70 -21.67 7.35
C GLU A 292 7.06 -20.85 6.20
N PHE A 293 6.09 -19.99 6.55
CA PHE A 293 5.46 -19.09 5.56
C PHE A 293 6.50 -18.11 4.95
N MET A 294 7.40 -17.57 5.78
CA MET A 294 8.51 -16.75 5.26
C MET A 294 9.32 -17.52 4.21
N TYR A 295 9.69 -18.77 4.50
CA TYR A 295 10.48 -19.56 3.57
C TYR A 295 9.75 -19.89 2.26
N GLU A 296 8.43 -20.06 2.34
CA GLU A 296 7.60 -20.27 1.14
C GLU A 296 7.50 -18.98 0.31
N TRP A 297 7.09 -17.90 0.96
CA TRP A 297 6.74 -16.69 0.22
C TRP A 297 7.93 -15.80 -0.05
N ILE A 298 8.80 -15.60 0.94
CA ILE A 298 9.85 -14.57 0.78
C ILE A 298 11.10 -15.20 0.18
N ILE A 299 11.49 -16.36 0.70
CA ILE A 299 12.71 -17.03 0.21
C ILE A 299 12.47 -17.84 -1.05
N GLY A 300 11.58 -18.82 -0.99
CA GLY A 300 11.27 -19.66 -2.18
C GLY A 300 10.64 -18.93 -3.35
N GLN A 301 9.74 -18.00 -3.05
CA GLN A 301 9.06 -17.34 -4.15
C GLN A 301 9.71 -15.98 -4.48
N PHE A 302 9.71 -15.03 -3.55
CA PHE A 302 10.12 -13.67 -3.89
C PHE A 302 11.62 -13.59 -4.28
N GLU A 303 12.49 -14.14 -3.44
CA GLU A 303 13.92 -14.03 -3.68
CA GLU A 303 13.86 -14.09 -3.71
C GLU A 303 14.36 -14.71 -4.96
N ARG A 304 13.71 -15.82 -5.28
CA ARG A 304 13.95 -16.51 -6.55
C ARG A 304 13.52 -15.66 -7.77
N SER A 305 12.41 -14.92 -7.63
CA SER A 305 11.98 -13.97 -8.66
C SER A 305 12.99 -12.85 -8.84
N LEU A 306 13.50 -12.34 -7.73
CA LEU A 306 14.44 -11.23 -7.74
C LEU A 306 15.74 -11.61 -8.46
N ILE A 307 16.21 -12.82 -8.19
CA ILE A 307 17.37 -13.39 -8.90
C ILE A 307 17.09 -13.55 -10.39
N ASP A 308 15.87 -14.00 -10.74
CA ASP A 308 15.52 -14.17 -12.16
C ASP A 308 15.56 -12.85 -12.90
N LEU A 309 15.24 -11.76 -12.21
CA LEU A 309 15.26 -10.42 -12.83
C LEU A 309 16.67 -9.81 -12.93
N GLY A 310 17.66 -10.49 -12.41
CA GLY A 310 19.02 -10.02 -12.53
C GLY A 310 19.53 -9.20 -11.36
N LEU A 311 18.76 -9.09 -10.28
CA LEU A 311 19.30 -8.45 -9.07
C LEU A 311 20.06 -9.45 -8.21
N ASP A 312 20.78 -8.94 -7.21
CA ASP A 312 21.55 -9.77 -6.28
C ASP A 312 20.81 -9.92 -4.96
N LYS A 313 21.11 -10.99 -4.22
CA LYS A 313 20.65 -11.13 -2.83
C LYS A 313 21.14 -9.92 -2.07
N PRO A 314 20.33 -9.41 -1.12
CA PRO A 314 20.74 -8.20 -0.43
C PRO A 314 21.99 -8.47 0.38
N TRP A 315 22.78 -7.41 0.63
CA TRP A 315 24.02 -7.57 1.39
C TRP A 315 23.81 -8.26 2.75
N TYR A 316 22.65 -8.00 3.37
CA TYR A 316 22.34 -8.43 4.72
C TYR A 316 21.62 -9.76 4.78
N TRP A 317 21.70 -10.55 3.71
CA TRP A 317 20.99 -11.80 3.66
C TRP A 317 21.16 -12.71 4.87
N ASP A 318 22.36 -12.95 5.35
CA ASP A 318 22.52 -13.81 6.51
C ASP A 318 21.91 -13.24 7.79
N LEU A 319 21.98 -11.93 7.94
CA LEU A 319 21.35 -11.23 9.02
C LEU A 319 19.84 -11.45 9.01
N PHE A 320 19.28 -11.30 7.84
CA PHE A 320 17.85 -11.51 7.61
C PHE A 320 17.40 -12.91 8.05
N LEU A 321 18.09 -13.94 7.59
CA LEU A 321 17.76 -15.31 7.96
C LEU A 321 17.81 -15.57 9.45
N LYS A 322 18.86 -15.06 10.12
CA LYS A 322 18.92 -15.14 11.58
C LYS A 322 17.71 -14.42 12.19
N ASP A 323 17.37 -13.23 11.66
CA ASP A 323 16.24 -12.44 12.17
C ASP A 323 14.91 -13.23 12.10
N ILE A 324 14.75 -14.02 11.05
CA ILE A 324 13.51 -14.79 10.87
C ILE A 324 13.29 -15.79 12.03
N ASP A 325 14.39 -16.34 12.55
CA ASP A 325 14.37 -17.33 13.63
C ASP A 325 14.05 -16.64 14.96
N GLU A 326 14.27 -15.33 15.03
CA GLU A 326 14.39 -14.63 16.32
C GLU A 326 13.53 -13.44 16.58
N LEU A 327 13.46 -12.52 15.63
CA LEU A 327 12.91 -11.21 15.90
C LEU A 327 11.46 -11.21 16.40
N HIS A 328 10.57 -11.92 15.71
CA HIS A 328 9.18 -11.79 16.04
C HIS A 328 8.85 -12.38 17.42
N HIS A 329 9.65 -13.32 17.95
CA HIS A 329 9.37 -13.85 19.31
C HIS A 329 9.53 -12.75 20.34
N SER A 330 10.50 -11.89 20.11
CA SER A 330 10.76 -10.74 20.98
C SER A 330 9.73 -9.65 20.80
N TYR A 331 9.42 -9.35 19.55
CA TYR A 331 8.36 -8.41 19.22
C TYR A 331 7.02 -8.83 19.84
N HIS A 332 6.69 -10.12 19.76
CA HIS A 332 5.44 -10.60 20.37
C HIS A 332 5.42 -10.34 21.88
N MET A 333 6.55 -10.66 22.52
CA MET A 333 6.73 -10.46 23.95
C MET A 333 6.51 -9.00 24.37
N GLY A 334 7.10 -8.07 23.63
CA GLY A 334 6.94 -6.64 23.86
C GLY A 334 5.53 -6.15 23.64
N VAL A 335 4.94 -6.55 22.51
CA VAL A 335 3.55 -6.17 22.23
C VAL A 335 2.62 -6.68 23.35
N TRP A 336 2.82 -7.93 23.80
CA TRP A 336 2.04 -8.51 24.88
C TRP A 336 2.32 -7.78 26.21
N TYR A 337 3.58 -7.61 26.56
CA TYR A 337 3.90 -6.94 27.86
C TYR A 337 3.32 -5.51 27.91
N TRP A 338 3.49 -4.74 26.84
CA TRP A 338 2.91 -3.39 26.74
C TRP A 338 1.51 -3.41 26.06
N ARG A 339 0.76 -4.48 26.28
CA ARG A 339 -0.53 -4.65 25.55
C ARG A 339 -1.49 -3.48 25.69
N THR A 340 -1.37 -2.75 26.80
CA THR A 340 -2.30 -1.68 27.07
C THR A 340 -2.19 -0.55 26.04
N THR A 341 -1.06 -0.49 25.32
CA THR A 341 -0.84 0.53 24.29
C THR A 341 -1.28 0.10 22.87
N ALA A 342 -1.74 -1.15 22.75
CA ALA A 342 -2.29 -1.68 21.48
C ALA A 342 -3.81 -1.45 21.43
N TRP A 343 -4.38 -1.42 20.23
CA TRP A 343 -5.85 -1.32 20.09
C TRP A 343 -6.50 -2.68 19.91
N TRP A 344 -5.70 -3.76 20.00
CA TRP A 344 -6.20 -5.13 19.97
C TRP A 344 -5.76 -5.81 21.26
N ASN A 345 -6.28 -6.99 21.52
CA ASN A 345 -5.91 -7.81 22.70
C ASN A 345 -4.94 -8.92 22.41
N PRO A 346 -3.63 -8.70 22.66
CA PRO A 346 -2.67 -9.75 22.37
C PRO A 346 -2.95 -11.02 23.15
N ALA A 347 -2.86 -12.18 22.51
CA ALA A 347 -2.87 -13.47 23.20
C ALA A 347 -1.44 -13.86 23.50
N ALA A 348 -1.20 -14.33 24.71
CA ALA A 348 0.16 -14.68 25.11
C ALA A 348 0.69 -15.88 24.33
N GLY A 349 -0.17 -16.87 24.11
CA GLY A 349 0.19 -18.05 23.31
C GLY A 349 1.27 -18.94 23.91
N VAL A 350 1.31 -19.03 25.23
CA VAL A 350 2.37 -19.84 25.88
C VAL A 350 1.83 -20.89 26.87
N THR A 351 0.71 -21.53 26.55
CA THR A 351 0.27 -22.73 27.24
C THR A 351 1.30 -23.84 26.96
N PRO A 352 1.42 -24.83 27.85
CA PRO A 352 2.39 -25.89 27.56
C PRO A 352 2.27 -26.49 26.14
N GLU A 353 1.06 -26.67 25.63
CA GLU A 353 0.91 -27.29 24.31
C GLU A 353 1.47 -26.37 23.21
N GLU A 354 1.29 -25.07 23.39
CA GLU A 354 1.83 -24.09 22.45
C GLU A 354 3.33 -24.02 22.55
N ARG A 355 3.86 -24.03 23.78
CA ARG A 355 5.29 -24.03 23.98
C ARG A 355 5.99 -25.23 23.35
N ASP A 356 5.34 -26.40 23.35
CA ASP A 356 5.85 -27.58 22.63
C ASP A 356 5.92 -27.36 21.08
N TRP A 357 4.87 -26.76 20.54
CA TRP A 357 4.84 -26.41 19.10
C TRP A 357 5.95 -25.39 18.79
N LEU A 358 6.02 -24.33 19.60
CA LEU A 358 7.09 -23.34 19.46
C LEU A 358 8.49 -23.95 19.48
N GLU A 359 8.71 -24.90 20.39
CA GLU A 359 9.98 -25.62 20.50
C GLU A 359 10.26 -26.45 19.23
N GLU A 360 9.23 -27.12 18.72
CA GLU A 360 9.38 -27.87 17.46
C GLU A 360 9.72 -26.95 16.28
N LYS A 361 9.07 -25.78 16.22
CA LYS A 361 9.22 -24.85 15.09
C LYS A 361 10.49 -23.97 15.17
N TYR A 362 10.98 -23.77 16.39
CA TYR A 362 12.14 -22.93 16.68
C TYR A 362 12.92 -23.60 17.80
N PRO A 363 13.71 -24.65 17.47
CA PRO A 363 14.41 -25.36 18.54
C PRO A 363 15.30 -24.42 19.38
N GLY A 364 15.18 -24.53 20.70
CA GLY A 364 15.93 -23.66 21.62
C GLY A 364 15.03 -22.57 22.20
N TRP A 365 13.79 -22.50 21.71
CA TRP A 365 12.80 -21.49 22.15
C TRP A 365 12.61 -21.42 23.67
N ASN A 366 12.40 -22.58 24.31
CA ASN A 366 12.16 -22.59 25.77
C ASN A 366 13.31 -22.06 26.62
N LYS A 367 14.54 -22.24 26.14
CA LYS A 367 15.73 -21.75 26.85
C LYS A 367 15.99 -20.26 26.60
N ARG A 368 15.23 -19.67 25.68
CA ARG A 368 15.41 -18.27 25.32
C ARG A 368 14.18 -17.52 25.80
N TRP A 369 13.21 -17.28 24.90
CA TRP A 369 11.98 -16.56 25.26
C TRP A 369 11.19 -17.26 26.39
N GLY A 370 11.26 -18.59 26.42
CA GLY A 370 10.59 -19.36 27.44
C GLY A 370 11.00 -18.96 28.86
N ARG A 371 12.26 -18.53 29.01
CA ARG A 371 12.76 -18.06 30.32
C ARG A 371 11.95 -16.89 30.81
N CYS A 372 11.63 -15.96 29.90
CA CYS A 372 10.81 -14.78 30.26
C CYS A 372 9.35 -15.14 30.51
N TRP A 373 8.82 -16.02 29.66
CA TRP A 373 7.45 -16.46 29.84
C TRP A 373 7.29 -17.25 31.14
N ASP A 374 8.38 -17.87 31.62
CA ASP A 374 8.35 -18.65 32.89
C ASP A 374 8.09 -17.70 34.08
N VAL A 375 8.77 -16.57 34.06
CA VAL A 375 8.63 -15.52 35.09
C VAL A 375 7.23 -14.90 35.03
N ILE A 376 6.81 -14.50 33.83
CA ILE A 376 5.48 -13.95 33.60
C ILE A 376 4.43 -14.96 34.06
N THR A 377 4.57 -16.21 33.66
CA THR A 377 3.57 -17.23 34.00
C THR A 377 3.43 -17.41 35.54
N GLU A 378 4.57 -17.48 36.24
CA GLU A 378 4.63 -17.51 37.72
C GLU A 378 3.88 -16.33 38.35
N ASN A 379 4.15 -15.11 37.87
CA ASN A 379 3.45 -13.94 38.39
C ASN A 379 1.95 -14.03 38.18
N VAL A 380 1.51 -14.47 36.99
CA VAL A 380 0.07 -14.56 36.71
C VAL A 380 -0.58 -15.58 37.65
N LEU A 381 0.03 -16.76 37.78
CA LEU A 381 -0.44 -17.81 38.69
C LEU A 381 -0.54 -17.35 40.15
N ASN A 382 0.39 -16.51 40.60
CA ASN A 382 0.39 -16.00 41.97
C ASN A 382 -0.31 -14.67 42.11
N ASP A 383 -1.00 -14.25 41.05
CA ASP A 383 -1.77 -13.02 41.03
C ASP A 383 -0.93 -11.77 41.40
N ARG A 384 0.34 -11.79 41.02
CA ARG A 384 1.18 -10.60 41.12
C ARG A 384 1.07 -9.80 39.82
N MET A 385 -0.07 -9.14 39.65
CA MET A 385 -0.42 -8.52 38.38
C MET A 385 0.32 -7.22 38.09
N ASP A 386 0.76 -6.53 39.14
CA ASP A 386 1.58 -5.35 38.96
C ASP A 386 2.84 -5.66 38.15
N LEU A 387 3.32 -6.90 38.25
CA LEU A 387 4.56 -7.33 37.60
C LEU A 387 4.38 -7.77 36.11
N VAL A 388 3.13 -7.75 35.63
CA VAL A 388 2.74 -8.14 34.27
CA VAL A 388 2.85 -8.11 34.22
C VAL A 388 2.34 -6.91 33.43
N SER A 389 2.48 -5.73 34.02
CA SER A 389 2.23 -4.44 33.36
C SER A 389 3.43 -3.52 33.51
N PRO A 390 3.70 -2.72 32.48
CA PRO A 390 4.94 -1.96 32.51
C PRO A 390 4.87 -0.64 33.27
N GLU A 391 6.03 -0.19 33.75
CA GLU A 391 6.10 1.11 34.44
C GLU A 391 7.18 1.98 33.82
N THR A 392 7.67 1.59 32.62
CA THR A 392 8.49 2.49 31.84
C THR A 392 8.25 2.23 30.35
N LEU A 393 8.90 3.03 29.50
CA LEU A 393 8.82 2.87 28.03
CA LEU A 393 8.81 2.86 28.04
C LEU A 393 9.88 1.91 27.53
N PRO A 394 9.57 1.18 26.42
CA PRO A 394 10.65 0.47 25.77
C PRO A 394 11.49 1.50 25.07
N SER A 395 12.77 1.19 24.83
CA SER A 395 13.62 2.02 23.97
C SER A 395 13.20 1.69 22.53
N VAL A 396 13.17 2.68 21.65
CA VAL A 396 12.53 2.49 20.31
C VAL A 396 13.50 2.78 19.17
N CYS A 397 13.44 1.99 18.10
CA CYS A 397 14.31 2.20 16.93
C CYS A 397 13.93 3.52 16.24
N ASN A 398 14.92 4.37 15.90
CA ASN A 398 14.63 5.58 15.14
C ASN A 398 14.34 5.37 13.64
N MET A 399 14.46 4.14 13.17
CA MET A 399 13.95 3.78 11.83
C MET A 399 12.56 3.10 11.92
N SER A 400 12.53 1.88 12.44
CA SER A 400 11.29 1.06 12.39
C SER A 400 10.17 1.59 13.29
N GLN A 401 10.54 2.39 14.30
CA GLN A 401 9.60 2.85 15.33
C GLN A 401 9.09 1.70 16.22
N ILE A 402 9.84 0.61 16.24
CA ILE A 402 9.50 -0.57 17.05
C ILE A 402 10.63 -0.72 18.10
N PRO A 403 10.30 -1.24 19.30
CA PRO A 403 11.35 -1.33 20.34
C PRO A 403 12.61 -2.14 19.97
N LEU A 404 13.70 -1.76 20.65
CA LEU A 404 14.99 -2.39 20.53
C LEU A 404 15.04 -3.71 21.29
N VAL A 405 15.15 -4.83 20.58
CA VAL A 405 15.03 -6.15 21.21
C VAL A 405 16.25 -6.99 20.90
N GLY A 406 16.35 -8.14 21.56
CA GLY A 406 17.41 -9.11 21.31
C GLY A 406 16.92 -10.50 21.67
N VAL A 407 17.84 -11.42 21.88
CA VAL A 407 17.51 -12.76 22.32
C VAL A 407 17.69 -12.84 23.83
N PRO A 408 16.63 -13.23 24.55
CA PRO A 408 16.74 -13.35 26.03
C PRO A 408 17.15 -14.75 26.48
N GLY A 409 17.17 -14.94 27.80
CA GLY A 409 17.42 -16.26 28.36
C GLY A 409 18.85 -16.73 28.34
N ASP A 410 19.02 -18.03 28.09
CA ASP A 410 20.30 -18.70 28.32
C ASP A 410 21.48 -18.18 27.51
N ASP A 411 21.27 -17.80 26.24
CA ASP A 411 22.35 -17.14 25.48
C ASP A 411 22.01 -15.71 25.12
N TRP A 412 21.63 -14.95 26.14
CA TRP A 412 21.32 -13.53 26.05
C TRP A 412 22.26 -12.77 25.12
N ASN A 413 21.68 -12.13 24.11
CA ASN A 413 22.43 -11.23 23.27
CA ASN A 413 22.43 -11.20 23.30
C ASN A 413 21.52 -10.13 22.73
N ILE A 414 21.96 -8.89 22.89
CA ILE A 414 21.20 -7.77 22.39
C ILE A 414 22.16 -6.74 21.90
N GLU A 415 21.83 -6.10 20.77
CA GLU A 415 22.68 -5.05 20.24
C GLU A 415 21.89 -3.88 19.68
N VAL A 416 22.25 -2.69 20.15
CA VAL A 416 21.73 -1.42 19.64
C VAL A 416 22.81 -0.79 18.76
N PHE A 417 22.40 -0.28 17.59
CA PHE A 417 23.34 0.34 16.65
C PHE A 417 23.08 1.83 16.66
N SER A 418 23.96 2.60 17.29
CA SER A 418 23.70 4.02 17.47
C SER A 418 24.46 4.89 16.46
N LEU A 419 24.01 6.13 16.32
CA LEU A 419 24.56 7.06 15.35
C LEU A 419 24.43 8.50 15.84
N GLU A 420 25.53 9.25 15.81
CA GLU A 420 25.44 10.71 15.96
C GLU A 420 25.31 11.34 14.61
N HIS A 421 24.39 12.28 14.51
CA HIS A 421 24.17 12.95 13.25
C HIS A 421 23.63 14.34 13.53
N ASN A 422 24.32 15.37 13.04
CA ASN A 422 23.92 16.75 13.32
C ASN A 422 23.61 17.03 14.81
N GLY A 423 24.50 16.62 15.70
CA GLY A 423 24.36 16.89 17.13
C GLY A 423 23.18 16.19 17.80
N ARG A 424 22.78 15.04 17.26
CA ARG A 424 21.71 14.27 17.86
C ARG A 424 22.10 12.81 17.89
N LEU A 425 21.77 12.10 18.96
CA LEU A 425 22.04 10.66 19.07
C LEU A 425 20.78 9.83 18.70
N TYR A 426 20.93 8.98 17.68
CA TYR A 426 19.86 8.08 17.23
C TYR A 426 20.24 6.66 17.59
N HIS A 427 19.24 5.79 17.76
CA HIS A 427 19.48 4.39 18.07
C HIS A 427 18.67 3.54 17.11
N PHE A 428 19.28 2.46 16.60
CA PHE A 428 18.62 1.57 15.63
C PHE A 428 18.66 0.12 16.10
N GLY A 429 17.67 -0.65 15.67
CA GLY A 429 17.53 -2.04 16.08
C GLY A 429 18.37 -3.03 15.30
N SER A 430 19.08 -2.57 14.28
CA SER A 430 19.91 -3.44 13.45
C SER A 430 20.91 -2.60 12.69
N GLU A 431 21.96 -3.24 12.17
CA GLU A 431 22.92 -2.60 11.27
C GLU A 431 22.21 -2.08 10.04
N VAL A 432 21.17 -2.81 9.60
CA VAL A 432 20.51 -2.49 8.37
C VAL A 432 19.66 -1.23 8.56
N ASP A 433 18.95 -1.10 9.68
CA ASP A 433 18.16 0.09 9.94
C ASP A 433 19.04 1.36 10.01
N ARG A 434 20.20 1.24 10.66
CA ARG A 434 21.19 2.35 10.64
C ARG A 434 21.61 2.67 9.22
N TRP A 435 21.95 1.64 8.47
CA TRP A 435 22.30 1.81 7.05
C TRP A 435 21.20 2.52 6.26
N VAL A 436 19.93 2.13 6.43
CA VAL A 436 18.82 2.81 5.74
C VAL A 436 18.80 4.32 6.04
N PHE A 437 18.99 4.69 7.29
CA PHE A 437 19.05 6.09 7.68
C PHE A 437 20.18 6.80 6.93
N GLN A 438 21.36 6.18 6.93
CA GLN A 438 22.55 6.80 6.28
C GLN A 438 22.40 6.88 4.76
N GLN A 439 21.51 6.08 4.20
CA GLN A 439 21.23 6.16 2.75
C GLN A 439 20.53 7.48 2.35
N ASP A 440 19.70 8.02 3.24
CA ASP A 440 18.91 9.21 2.89
C ASP A 440 18.58 10.03 4.16
N PRO A 441 19.61 10.62 4.80
CA PRO A 441 19.34 11.26 6.12
C PRO A 441 18.34 12.42 6.03
N VAL A 442 18.21 13.11 4.91
CA VAL A 442 17.22 14.22 4.85
C VAL A 442 15.76 13.69 4.97
N GLN A 443 15.53 12.42 4.60
CA GLN A 443 14.20 11.82 4.77
C GLN A 443 13.79 11.68 6.25
N TYR A 444 14.79 11.46 7.12
CA TYR A 444 14.58 10.97 8.49
C TYR A 444 15.12 11.88 9.60
N GLN A 445 16.11 12.72 9.31
CA GLN A 445 16.94 13.30 10.39
C GLN A 445 16.13 14.04 11.47
N ASN A 446 15.13 14.80 11.08
CA ASN A 446 14.34 15.56 12.08
C ASN A 446 13.04 14.87 12.56
N HIS A 447 12.87 13.62 12.18
CA HIS A 447 11.80 12.82 12.76
C HIS A 447 12.09 12.44 14.21
N MET A 448 11.06 12.52 15.06
CA MET A 448 11.20 12.12 16.46
CA MET A 448 11.15 12.14 16.48
C MET A 448 10.31 10.92 16.75
N ASN A 449 10.90 9.85 17.26
CA ASN A 449 10.08 8.72 17.64
C ASN A 449 9.33 9.01 18.97
N ILE A 450 8.43 8.11 19.37
CA ILE A 450 7.58 8.33 20.53
C ILE A 450 8.41 8.57 21.83
N VAL A 451 9.53 7.89 21.95
CA VAL A 451 10.44 8.05 23.11
C VAL A 451 11.10 9.44 23.09
N ASP A 452 11.64 9.82 21.94
CA ASP A 452 12.16 11.18 21.71
C ASP A 452 11.14 12.24 22.09
N ARG A 453 9.87 12.05 21.69
CA ARG A 453 8.81 13.00 22.03
C ARG A 453 8.53 13.00 23.55
N PHE A 454 8.53 11.83 24.14
CA PHE A 454 8.33 11.70 25.60
C PHE A 454 9.41 12.49 26.38
N LEU A 455 10.67 12.28 26.00
CA LEU A 455 11.81 13.00 26.60
C LEU A 455 11.84 14.49 26.29
N ALA A 456 11.19 14.92 25.21
CA ALA A 456 11.16 16.34 24.87
C ALA A 456 10.02 17.12 25.51
N GLY A 457 9.21 16.45 26.31
CA GLY A 457 8.09 17.12 26.97
C GLY A 457 6.82 17.20 26.15
N GLN A 458 6.78 16.52 25.00
CA GLN A 458 5.60 16.59 24.14
C GLN A 458 4.43 15.75 24.61
N ILE A 459 4.70 14.79 25.49
CA ILE A 459 3.65 13.93 26.00
C ILE A 459 3.38 14.29 27.47
N GLN A 460 2.23 14.91 27.71
CA GLN A 460 1.86 15.37 29.07
C GLN A 460 0.51 14.81 29.51
N PRO A 461 0.41 14.30 30.75
CA PRO A 461 1.52 14.12 31.73
C PRO A 461 2.49 13.04 31.25
N MET A 462 3.70 13.06 31.80
CA MET A 462 4.69 12.04 31.51
C MET A 462 4.45 10.80 32.37
N THR A 463 3.34 10.11 32.07
CA THR A 463 2.89 8.91 32.78
C THR A 463 2.32 7.92 31.77
N LEU A 464 2.07 6.69 32.21
CA LEU A 464 1.47 5.69 31.31
C LEU A 464 0.14 6.22 30.79
N GLU A 465 -0.64 6.79 31.68
CA GLU A 465 -1.92 7.36 31.28
C GLU A 465 -1.79 8.51 30.30
N GLY A 466 -0.82 9.39 30.53
CA GLY A 466 -0.56 10.50 29.62
C GLY A 466 -0.17 9.99 28.23
N ALA A 467 0.65 8.94 28.20
CA ALA A 467 1.10 8.32 26.94
C ALA A 467 -0.10 7.73 26.18
N LEU A 468 -0.95 6.99 26.89
CA LEU A 468 -2.20 6.44 26.33
C LEU A 468 -3.12 7.50 25.74
N LYS A 469 -3.31 8.61 26.46
CA LYS A 469 -4.12 9.69 25.89
C LYS A 469 -3.47 10.29 24.67
N TYR A 470 -2.14 10.48 24.72
CA TYR A 470 -1.41 11.00 23.54
C TYR A 470 -1.61 10.06 22.33
N MET A 471 -1.58 8.75 22.58
CA MET A 471 -1.73 7.72 21.55
C MET A 471 -3.17 7.60 20.98
N GLY A 472 -4.11 8.35 21.54
CA GLY A 472 -5.44 8.49 20.94
C GLY A 472 -6.55 7.63 21.53
N PHE A 473 -6.26 6.94 22.63
CA PHE A 473 -7.25 6.09 23.29
C PHE A 473 -8.33 6.96 23.93
N GLN A 474 -9.59 6.55 23.77
CA GLN A 474 -10.72 7.41 24.13
C GLN A 474 -11.58 6.84 25.26
N SER A 475 -11.36 5.59 25.62
CA SER A 475 -12.15 4.96 26.67
C SER A 475 -11.36 3.80 27.21
N ILE A 476 -11.70 3.38 28.41
CA ILE A 476 -10.97 2.29 29.06
C ILE A 476 -11.06 0.98 28.26
N GLU A 477 -12.17 0.78 27.55
CA GLU A 477 -12.39 -0.46 26.78
C GLU A 477 -11.46 -0.60 25.58
N GLU A 478 -10.94 0.50 25.08
CA GLU A 478 -10.14 0.45 23.85
C GLU A 478 -8.73 -0.12 24.06
N MET A 479 -8.17 0.04 25.27
CA MET A 479 -6.80 -0.41 25.56
C MET A 479 -6.65 -1.92 25.51
N GLY A 480 -5.56 -2.41 24.93
CA GLY A 480 -5.35 -3.84 24.84
C GLY A 480 -5.23 -4.54 26.19
N LYS A 481 -5.79 -5.74 26.26
CA LYS A 481 -5.75 -6.57 27.46
C LYS A 481 -5.25 -7.93 27.01
N ASP A 482 -4.97 -8.84 27.95
CA ASP A 482 -4.72 -10.21 27.52
C ASP A 482 -5.96 -10.83 26.84
N ALA A 483 -5.79 -11.49 25.68
CA ALA A 483 -6.97 -11.89 24.86
C ALA A 483 -7.96 -12.79 25.63
N HIS A 484 -7.41 -13.66 26.47
CA HIS A 484 -8.14 -14.68 27.21
C HIS A 484 -8.31 -14.32 28.69
N ASP A 485 -8.12 -13.04 29.02
CA ASP A 485 -8.09 -12.59 30.41
CA ASP A 485 -8.13 -12.61 30.43
C ASP A 485 -7.32 -13.55 31.31
N PHE A 486 -6.11 -13.93 30.85
CA PHE A 486 -5.19 -14.83 31.58
C PHE A 486 -5.69 -16.25 31.86
N ALA A 487 -6.79 -16.64 31.23
CA ALA A 487 -7.30 -18.00 31.35
C ALA A 487 -6.28 -19.07 30.92
N TRP A 488 -5.30 -18.69 30.10
CA TRP A 488 -4.28 -19.62 29.66
C TRP A 488 -3.41 -20.17 30.80
N ALA A 489 -3.35 -19.43 31.91
CA ALA A 489 -2.51 -19.81 33.05
C ALA A 489 -3.08 -21.08 33.69
N ASP A 490 -4.38 -21.27 33.59
CA ASP A 490 -5.04 -22.46 34.14
C ASP A 490 -4.50 -23.76 33.52
N LYS A 491 -3.92 -23.66 32.32
CA LYS A 491 -3.32 -24.81 31.66
C LYS A 491 -1.86 -25.02 32.01
N CYS A 492 -1.27 -24.07 32.76
CA CYS A 492 0.14 -24.12 33.18
C CYS A 492 0.35 -24.72 34.58
N SER B 2 -7.86 10.64 33.62
CA SER B 2 -8.61 9.36 33.85
C SER B 2 -9.25 8.89 32.54
N PHE B 3 -9.47 7.57 32.44
CA PHE B 3 -10.19 6.97 31.31
C PHE B 3 -11.57 6.51 31.75
N GLU B 4 -12.59 7.02 31.06
CA GLU B 4 -13.98 6.69 31.35
C GLU B 4 -14.44 5.54 30.48
N SER B 5 -15.48 4.85 30.94
CA SER B 5 -16.10 3.80 30.17
C SER B 5 -17.04 4.45 29.17
N LYS B 6 -17.00 3.99 27.92
CA LYS B 6 -17.90 4.45 26.89
C LYS B 6 -18.43 3.25 26.12
N LYS B 7 -19.64 3.35 25.64
CA LYS B 7 -20.28 2.22 24.97
C LYS B 7 -19.82 2.16 23.49
N PRO B 8 -19.93 0.96 22.85
CA PRO B 8 -19.68 0.88 21.41
C PRO B 8 -20.52 1.88 20.61
N MET B 9 -19.95 2.44 19.54
CA MET B 9 -20.65 3.40 18.68
C MET B 9 -21.29 2.61 17.50
N ARG B 10 -22.37 3.13 16.90
CA ARG B 10 -23.04 2.41 15.79
C ARG B 10 -22.23 2.56 14.48
N THR B 11 -21.28 3.47 14.49
CA THR B 11 -20.47 3.78 13.32
C THR B 11 -19.09 4.29 13.75
N TRP B 12 -18.25 4.76 12.81
CA TRP B 12 -16.93 5.29 13.18
C TRP B 12 -17.14 6.47 14.14
N SER B 13 -16.18 6.68 15.03
CA SER B 13 -16.20 7.81 15.98
C SER B 13 -16.42 9.16 15.31
N HIS B 14 -15.83 9.39 14.13
CA HIS B 14 -15.99 10.67 13.42
C HIS B 14 -17.36 10.91 12.84
N LEU B 15 -18.13 9.86 12.68
CA LEU B 15 -19.51 9.94 12.11
C LEU B 15 -20.59 9.74 13.16
N ALA B 16 -20.18 9.39 14.36
CA ALA B 16 -21.13 9.01 15.41
C ALA B 16 -22.15 10.12 15.75
N GLU B 17 -21.78 11.38 15.46
CA GLU B 17 -22.65 12.53 15.72
CA GLU B 17 -22.67 12.51 15.73
CA GLU B 17 -22.66 12.53 15.71
C GLU B 17 -23.60 12.87 14.56
N MET B 18 -23.43 12.24 13.40
CA MET B 18 -24.32 12.49 12.26
C MET B 18 -25.76 12.25 12.70
N ARG B 19 -26.65 13.04 12.12
CA ARG B 19 -28.09 12.93 12.32
C ARG B 19 -28.60 11.65 11.62
N LYS B 20 -28.37 11.54 10.32
CA LYS B 20 -28.79 10.38 9.52
C LYS B 20 -27.83 9.19 9.68
N LYS B 21 -28.37 7.98 9.52
CA LYS B 21 -27.57 6.76 9.51
C LYS B 21 -26.53 6.86 8.39
N PRO B 22 -25.24 6.65 8.72
CA PRO B 22 -24.18 6.75 7.71
C PRO B 22 -24.48 5.83 6.51
N SER B 23 -24.27 6.33 5.30
CA SER B 23 -24.42 5.52 4.07
C SER B 23 -23.14 4.72 3.79
N GLU B 24 -23.19 3.79 2.84
CA GLU B 24 -21.99 3.13 2.32
C GLU B 24 -20.95 4.20 1.95
N TYR B 25 -21.37 5.22 1.20
CA TYR B 25 -20.48 6.31 0.79
C TYR B 25 -19.77 6.93 2.00
N ASP B 26 -20.51 7.27 3.05
CA ASP B 26 -19.92 7.92 4.24
C ASP B 26 -18.88 7.02 4.91
N ILE B 27 -19.27 5.76 5.13
CA ILE B 27 -18.42 4.79 5.82
C ILE B 27 -17.08 4.60 5.10
N VAL B 28 -17.10 4.49 3.78
CA VAL B 28 -15.86 4.06 3.11
C VAL B 28 -15.03 5.22 2.51
N SER B 29 -15.57 6.44 2.53
CA SER B 29 -14.96 7.57 1.76
C SER B 29 -14.46 8.75 2.62
N ARG B 30 -14.95 8.88 3.84
CA ARG B 30 -14.80 10.18 4.54
C ARG B 30 -13.62 10.24 5.46
N LYS B 31 -12.87 11.34 5.37
CA LYS B 31 -11.76 11.64 6.30
C LYS B 31 -10.71 10.54 6.37
N LEU B 32 -10.13 10.24 5.20
CA LEU B 32 -9.09 9.21 5.09
C LEU B 32 -7.68 9.74 4.88
N HIS B 33 -7.54 11.02 4.52
CA HIS B 33 -6.19 11.59 4.42
C HIS B 33 -5.71 11.98 5.82
N TYR B 34 -4.86 11.15 6.43
CA TYR B 34 -4.19 11.49 7.70
C TYR B 34 -3.09 12.52 7.47
N SER B 35 -2.62 12.65 6.22
CA SER B 35 -1.62 13.65 5.85
C SER B 35 -2.04 15.14 6.06
N THR B 36 -3.29 15.40 6.40
CA THR B 36 -3.70 16.77 6.68
C THR B 36 -3.75 17.06 8.18
N ASN B 37 -3.46 16.06 8.99
CA ASN B 37 -3.63 16.20 10.44
C ASN B 37 -2.58 17.12 11.10
N ASN B 38 -1.33 16.98 10.67
CA ASN B 38 -0.20 17.72 11.23
C ASN B 38 0.30 18.74 10.22
N PRO B 39 -0.06 20.03 10.39
CA PRO B 39 0.37 21.05 9.45
C PRO B 39 1.88 21.07 9.26
N ASP B 40 2.65 20.78 10.31
CA ASP B 40 4.12 20.85 10.19
C ASP B 40 4.82 19.65 9.55
N SER B 41 4.18 18.49 9.57
CA SER B 41 4.67 17.37 8.77
C SER B 41 3.51 16.52 8.31
N PRO B 42 2.99 16.84 7.11
CA PRO B 42 1.94 16.02 6.49
C PRO B 42 2.25 14.52 6.66
N TRP B 43 3.48 14.13 6.32
CA TRP B 43 3.90 12.73 6.32
C TRP B 43 4.80 12.40 7.51
N GLU B 44 4.77 11.13 7.94
CA GLU B 44 5.37 10.69 9.20
C GLU B 44 6.86 10.47 8.98
N LEU B 45 7.55 11.55 8.63
CA LEU B 45 8.94 11.52 8.25
C LEU B 45 9.59 12.80 8.82
N SER B 46 10.82 13.07 8.46
CA SER B 46 11.43 14.34 8.87
C SER B 46 10.52 15.46 8.36
N PRO B 47 10.17 16.46 9.21
CA PRO B 47 9.26 17.51 8.72
C PRO B 47 9.78 18.30 7.52
N ASP B 48 11.08 18.28 7.27
CA ASP B 48 11.65 18.93 6.08
C ASP B 48 12.08 17.94 4.96
N SER B 49 11.56 16.72 4.97
CA SER B 49 11.78 15.79 3.84
C SER B 49 11.21 16.39 2.54
N PRO B 50 11.76 16.01 1.35
CA PRO B 50 11.31 16.62 0.08
C PRO B 50 9.79 16.58 -0.07
N MET B 51 9.15 15.44 0.21
CA MET B 51 7.69 15.37 -0.03
C MET B 51 6.88 16.15 1.01
N ASN B 52 7.38 16.19 2.27
CA ASN B 52 6.79 17.11 3.25
C ASN B 52 6.82 18.56 2.76
N LEU B 53 7.94 18.99 2.18
CA LEU B 53 8.05 20.36 1.69
C LEU B 53 7.12 20.58 0.49
N TRP B 54 7.05 19.57 -0.39
CA TRP B 54 6.13 19.66 -1.56
C TRP B 54 4.68 19.84 -1.09
N TYR B 55 4.27 19.01 -0.13
CA TYR B 55 2.92 19.09 0.40
C TYR B 55 2.66 20.37 1.20
N LYS B 56 3.60 20.78 2.04
CA LYS B 56 3.43 22.09 2.72
C LYS B 56 3.31 23.23 1.72
N GLN B 57 4.07 23.19 0.63
CA GLN B 57 3.98 24.27 -0.37
C GLN B 57 2.73 24.22 -1.26
N TYR B 58 2.46 23.07 -1.89
CA TYR B 58 1.41 22.98 -2.92
C TYR B 58 0.03 22.51 -2.46
N ARG B 59 -0.06 21.93 -1.27
CA ARG B 59 -1.37 21.71 -0.66
C ARG B 59 -1.66 22.70 0.48
N ASN B 60 -0.88 22.63 1.57
CA ASN B 60 -1.23 23.37 2.78
C ASN B 60 -1.28 24.90 2.54
N ALA B 61 -0.32 25.38 1.75
CA ALA B 61 -0.18 26.81 1.52
C ALA B 61 -0.95 27.29 0.30
N SER B 62 -1.80 26.45 -0.30
CA SER B 62 -2.66 26.94 -1.39
C SER B 62 -3.51 28.14 -0.93
N PRO B 63 -3.68 29.16 -1.81
CA PRO B 63 -4.58 30.31 -1.60
C PRO B 63 -6.04 29.90 -1.46
N LEU B 64 -6.39 28.75 -2.03
CA LEU B 64 -7.74 28.22 -1.89
C LEU B 64 -7.87 27.56 -0.52
N LYS B 65 -8.70 28.14 0.35
CA LYS B 65 -8.66 27.78 1.77
C LYS B 65 -10.02 27.41 2.29
N HIS B 66 -10.04 26.43 3.21
CA HIS B 66 -11.28 26.03 3.86
C HIS B 66 -10.99 25.31 5.17
N ASP B 67 -11.80 25.57 6.20
CA ASP B 67 -11.54 24.97 7.52
C ASP B 67 -12.04 23.53 7.68
N ASN B 68 -12.81 23.05 6.70
CA ASN B 68 -13.34 21.69 6.69
C ASN B 68 -13.54 21.16 5.25
N TRP B 69 -12.44 20.97 4.51
CA TRP B 69 -12.51 20.35 3.18
C TRP B 69 -13.16 18.96 3.25
N ASP B 70 -13.00 18.29 4.39
CA ASP B 70 -13.51 16.94 4.56
C ASP B 70 -15.02 16.81 4.47
N ALA B 71 -15.72 17.93 4.68
CA ALA B 71 -17.17 17.96 4.61
C ALA B 71 -17.66 17.86 3.18
N PHE B 72 -16.78 18.05 2.20
CA PHE B 72 -17.18 17.97 0.80
C PHE B 72 -17.84 16.60 0.54
N THR B 73 -18.89 16.60 -0.26
CA THR B 73 -19.60 15.37 -0.64
C THR B 73 -19.75 15.30 -2.16
N ASP B 74 -19.30 14.18 -2.76
CA ASP B 74 -19.62 13.90 -4.17
C ASP B 74 -21.16 13.88 -4.30
N PRO B 75 -21.73 14.76 -5.15
CA PRO B 75 -23.19 14.75 -5.32
C PRO B 75 -23.71 13.39 -5.83
N ASP B 76 -22.87 12.65 -6.55
CA ASP B 76 -23.24 11.31 -7.07
C ASP B 76 -23.00 10.20 -5.99
N GLN B 77 -22.26 10.56 -4.93
CA GLN B 77 -21.93 9.64 -3.83
C GLN B 77 -21.39 8.30 -4.32
N LEU B 78 -20.54 8.35 -5.34
CA LEU B 78 -20.03 7.10 -5.90
C LEU B 78 -18.95 6.49 -5.02
N VAL B 79 -18.97 5.15 -4.94
CA VAL B 79 -17.90 4.40 -4.30
C VAL B 79 -17.36 3.46 -5.40
N TYR B 80 -16.27 2.75 -5.12
CA TYR B 80 -15.67 1.90 -6.15
C TYR B 80 -16.71 0.93 -6.67
N ARG B 81 -17.43 0.28 -5.75
CA ARG B 81 -18.40 -0.73 -6.14
C ARG B 81 -19.48 -0.21 -7.13
N THR B 82 -20.06 0.94 -6.79
CA THR B 82 -21.13 1.48 -7.62
C THR B 82 -20.63 2.12 -8.91
N TYR B 83 -19.41 2.68 -8.88
CA TYR B 83 -18.74 3.13 -10.09
C TYR B 83 -18.62 1.96 -11.11
N ASN B 84 -18.12 0.78 -10.67
CA ASN B 84 -17.93 -0.34 -11.59
C ASN B 84 -19.26 -0.88 -12.10
N LEU B 85 -20.29 -0.86 -11.27
CA LEU B 85 -21.62 -1.26 -11.73
C LEU B 85 -22.11 -0.35 -12.83
N MET B 86 -21.97 0.95 -12.59
CA MET B 86 -22.41 1.92 -13.55
C MET B 86 -21.63 1.83 -14.86
N GLN B 87 -20.32 1.78 -14.74
CA GLN B 87 -19.45 1.77 -15.93
C GLN B 87 -19.44 0.46 -16.65
N ASP B 88 -19.60 -0.66 -15.93
CA ASP B 88 -19.76 -1.92 -16.65
C ASP B 88 -20.99 -1.83 -17.58
N GLY B 89 -22.08 -1.23 -17.11
CA GLY B 89 -23.29 -1.00 -17.95
C GLY B 89 -23.00 -0.12 -19.17
N GLN B 90 -22.31 0.98 -18.94
CA GLN B 90 -21.96 1.91 -20.02
C GLN B 90 -20.98 1.30 -21.01
N GLU B 91 -19.96 0.60 -20.51
CA GLU B 91 -18.98 -0.02 -21.38
C GLU B 91 -19.55 -1.19 -22.16
N SER B 92 -20.41 -1.98 -21.51
CA SER B 92 -21.12 -3.05 -22.21
CA SER B 92 -21.16 -3.06 -22.19
C SER B 92 -21.96 -2.53 -23.39
N TYR B 93 -22.69 -1.44 -23.14
CA TYR B 93 -23.42 -0.72 -24.17
C TYR B 93 -22.50 -0.26 -25.32
N VAL B 94 -21.39 0.37 -24.99
CA VAL B 94 -20.42 0.82 -26.01
C VAL B 94 -19.86 -0.37 -26.80
N GLN B 95 -19.51 -1.44 -26.09
CA GLN B 95 -18.99 -2.63 -26.77
C GLN B 95 -20.04 -3.23 -27.69
N SER B 96 -21.28 -3.21 -27.26
CA SER B 96 -22.40 -3.71 -28.10
C SER B 96 -22.60 -2.86 -29.35
N LEU B 97 -22.42 -1.55 -29.21
CA LEU B 97 -22.49 -0.63 -30.34
C LEU B 97 -21.34 -0.91 -31.32
N PHE B 98 -20.13 -0.98 -30.80
CA PHE B 98 -18.94 -1.30 -31.62
C PHE B 98 -19.17 -2.58 -32.41
N ASP B 99 -19.63 -3.64 -31.73
CA ASP B 99 -19.86 -4.95 -32.35
C ASP B 99 -20.86 -4.88 -33.50
N GLN B 100 -22.04 -4.31 -33.23
CA GLN B 100 -23.12 -4.20 -34.21
C GLN B 100 -22.80 -3.28 -35.40
N PHE B 101 -22.19 -2.12 -35.11
CA PHE B 101 -21.83 -1.19 -36.16
C PHE B 101 -20.76 -1.78 -37.09
N ASN B 102 -19.85 -2.56 -36.50
CA ASN B 102 -18.86 -3.28 -37.27
C ASN B 102 -19.55 -4.34 -38.16
N GLU B 103 -20.53 -5.03 -37.62
CA GLU B 103 -21.26 -6.05 -38.41
C GLU B 103 -21.91 -5.41 -39.65
N ARG B 104 -22.49 -4.24 -39.45
CA ARG B 104 -23.15 -3.48 -40.51
C ARG B 104 -22.17 -2.75 -41.45
N GLU B 105 -20.88 -2.86 -41.16
CA GLU B 105 -19.85 -2.22 -41.97
C GLU B 105 -20.11 -0.72 -42.04
N HIS B 106 -20.42 -0.15 -40.87
CA HIS B 106 -20.69 1.28 -40.70
C HIS B 106 -19.58 2.14 -41.31
N ASP B 107 -18.32 1.76 -41.05
CA ASP B 107 -17.20 2.60 -41.45
C ASP B 107 -17.08 2.78 -42.98
N GLN B 108 -17.46 1.74 -43.73
CA GLN B 108 -17.47 1.77 -45.20
C GLN B 108 -18.40 2.84 -45.79
N MET B 109 -19.41 3.22 -45.02
CA MET B 109 -20.47 4.10 -45.56
CA MET B 109 -20.52 4.08 -45.49
C MET B 109 -20.42 5.54 -45.08
N VAL B 110 -19.33 5.93 -44.43
CA VAL B 110 -19.19 7.33 -44.03
C VAL B 110 -18.93 8.16 -45.31
N ARG B 111 -19.14 9.46 -45.26
CA ARG B 111 -18.99 10.31 -46.43
C ARG B 111 -17.55 10.23 -46.91
N GLU B 112 -17.36 10.31 -48.23
CA GLU B 112 -16.03 10.37 -48.80
C GLU B 112 -15.13 11.37 -48.04
N GLY B 113 -13.92 10.94 -47.71
CA GLY B 113 -12.94 11.80 -47.04
C GLY B 113 -13.00 11.86 -45.51
N TRP B 114 -14.05 11.29 -44.92
CA TRP B 114 -14.24 11.38 -43.46
C TRP B 114 -13.11 10.71 -42.68
N GLU B 115 -12.55 9.64 -43.25
CA GLU B 115 -11.43 8.94 -42.65
C GLU B 115 -10.25 9.90 -42.45
N HIS B 116 -10.08 10.85 -43.37
CA HIS B 116 -9.00 11.83 -43.25
C HIS B 116 -9.26 12.84 -42.14
N THR B 117 -10.50 13.30 -42.02
CA THR B 117 -10.90 14.14 -40.90
C THR B 117 -10.75 13.44 -39.54
N MET B 118 -11.10 12.15 -39.49
CA MET B 118 -10.84 11.34 -38.29
C MET B 118 -9.34 11.26 -37.97
N ALA B 119 -8.52 10.92 -38.96
CA ALA B 119 -7.06 10.84 -38.76
C ALA B 119 -6.43 12.13 -38.21
N ARG B 120 -7.01 13.27 -38.56
CA ARG B 120 -6.45 14.56 -38.16
C ARG B 120 -7.07 15.12 -36.88
N CYS B 121 -8.37 14.96 -36.71
CA CYS B 121 -9.11 15.63 -35.65
C CYS B 121 -9.58 14.73 -34.49
N TYR B 122 -9.54 13.41 -34.70
CA TYR B 122 -10.09 12.46 -33.74
C TYR B 122 -9.02 11.57 -33.12
N SER B 123 -8.21 10.89 -33.95
CA SER B 123 -7.28 9.92 -33.39
C SER B 123 -6.15 10.48 -32.49
N PRO B 124 -5.65 11.72 -32.77
CA PRO B 124 -4.70 12.34 -31.82
C PRO B 124 -5.31 12.74 -30.46
N LEU B 125 -6.62 12.68 -30.31
CA LEU B 125 -7.26 12.89 -28.99
C LEU B 125 -6.72 11.93 -27.90
N ARG B 126 -6.15 10.80 -28.31
CA ARG B 126 -5.57 9.89 -27.29
C ARG B 126 -4.53 10.63 -26.44
N TYR B 127 -3.80 11.58 -27.06
CA TYR B 127 -2.82 12.41 -26.33
C TYR B 127 -3.49 13.34 -25.34
N LEU B 128 -4.54 14.03 -25.81
CA LEU B 128 -5.26 14.99 -24.99
C LEU B 128 -5.92 14.28 -23.81
N PHE B 129 -6.57 13.14 -24.11
CA PHE B 129 -7.23 12.35 -23.07
C PHE B 129 -6.24 11.81 -22.03
N HIS B 130 -5.06 11.38 -22.46
CA HIS B 130 -4.05 10.91 -21.51
C HIS B 130 -3.55 12.06 -20.63
N CYS B 131 -3.46 13.27 -21.20
CA CYS B 131 -3.12 14.46 -20.42
C CYS B 131 -4.18 14.69 -19.34
N LEU B 132 -5.46 14.49 -19.68
CA LEU B 132 -6.53 14.63 -18.68
C LEU B 132 -6.38 13.59 -17.58
N GLN B 133 -5.99 12.39 -18.00
CA GLN B 133 -5.73 11.26 -17.09
C GLN B 133 -4.59 11.60 -16.10
N MET B 134 -3.45 12.03 -16.64
CA MET B 134 -2.28 12.40 -15.83
C MET B 134 -2.65 13.54 -14.89
N SER B 135 -3.36 14.50 -15.42
CA SER B 135 -3.74 15.67 -14.63
C SER B 135 -4.74 15.34 -13.50
N SER B 136 -5.74 14.52 -13.82
CA SER B 136 -6.67 14.01 -12.78
C SER B 136 -5.97 13.28 -11.65
N ALA B 137 -4.96 12.48 -12.01
CA ALA B 137 -4.14 11.74 -11.02
C ALA B 137 -3.42 12.71 -10.12
N TYR B 138 -2.93 13.81 -10.70
CA TYR B 138 -2.27 14.84 -9.88
C TYR B 138 -3.23 15.50 -8.87
N VAL B 139 -4.42 15.91 -9.30
CA VAL B 139 -5.35 16.49 -8.36
C VAL B 139 -5.74 15.44 -7.27
N GLN B 140 -5.97 14.18 -7.66
CA GLN B 140 -6.14 13.10 -6.66
C GLN B 140 -5.08 13.14 -5.54
N GLN B 141 -3.80 13.14 -5.90
CA GLN B 141 -2.74 12.95 -4.90
C GLN B 141 -2.53 14.18 -4.02
N MET B 142 -2.94 15.32 -4.54
CA MET B 142 -2.77 16.61 -3.83
C MET B 142 -3.99 17.12 -3.05
N ALA B 143 -5.20 16.67 -3.42
CA ALA B 143 -6.43 17.25 -2.84
C ALA B 143 -6.50 17.08 -1.29
N PRO B 144 -7.00 18.12 -0.57
CA PRO B 144 -6.92 18.03 0.89
C PRO B 144 -8.07 17.27 1.61
N ALA B 145 -8.91 16.53 0.86
CA ALA B 145 -9.90 15.67 1.49
C ALA B 145 -10.04 14.39 0.64
N SER B 146 -10.25 13.26 1.30
CA SER B 146 -10.42 11.99 0.57
C SER B 146 -11.66 12.00 -0.30
N THR B 147 -12.73 12.66 0.15
CA THR B 147 -13.92 12.76 -0.70
C THR B 147 -13.68 13.52 -2.01
N ILE B 148 -12.79 14.51 -2.01
CA ILE B 148 -12.36 15.18 -3.25
C ILE B 148 -11.47 14.23 -4.06
N SER B 149 -10.45 13.67 -3.41
CA SER B 149 -9.54 12.75 -4.10
C SER B 149 -10.30 11.58 -4.79
N ASN B 150 -11.35 11.05 -4.14
CA ASN B 150 -12.14 9.93 -4.74
C ASN B 150 -12.82 10.33 -6.05
N CYS B 151 -13.38 11.54 -6.10
CA CYS B 151 -13.85 12.09 -7.37
C CYS B 151 -12.77 12.12 -8.46
N CYS B 152 -11.55 12.53 -8.07
CA CYS B 152 -10.42 12.58 -9.01
C CYS B 152 -9.97 11.20 -9.49
N ILE B 153 -9.97 10.22 -8.59
CA ILE B 153 -9.57 8.83 -8.98
C ILE B 153 -10.52 8.34 -10.09
N LEU B 154 -11.83 8.49 -9.85
CA LEU B 154 -12.83 8.01 -10.81
C LEU B 154 -12.73 8.80 -12.10
N GLN B 155 -12.46 10.10 -11.96
CA GLN B 155 -12.19 10.92 -13.14
C GLN B 155 -10.94 10.47 -13.93
N THR B 156 -9.88 10.08 -13.23
CA THR B 156 -8.67 9.54 -13.88
C THR B 156 -9.05 8.29 -14.69
N ALA B 157 -9.79 7.38 -14.05
CA ALA B 157 -10.28 6.16 -14.73
C ALA B 157 -11.14 6.49 -15.96
N ASP B 158 -12.02 7.49 -15.83
CA ASP B 158 -12.83 7.94 -17.00
C ASP B 158 -11.98 8.45 -18.17
N SER B 159 -10.89 9.14 -17.85
CA SER B 159 -9.99 9.70 -18.88
C SER B 159 -9.32 8.56 -19.65
N LEU B 160 -8.86 7.54 -18.90
CA LEU B 160 -8.36 6.29 -19.50
C LEU B 160 -9.45 5.58 -20.31
N ARG B 161 -10.70 5.61 -19.85
CA ARG B 161 -11.80 5.04 -20.65
C ARG B 161 -11.89 5.70 -22.04
N TRP B 162 -11.85 7.02 -22.05
CA TRP B 162 -11.96 7.76 -23.28
C TRP B 162 -10.73 7.51 -24.17
N LEU B 163 -9.55 7.48 -23.56
CA LEU B 163 -8.33 7.13 -24.30
C LEU B 163 -8.47 5.76 -24.97
N THR B 164 -9.03 4.82 -24.24
CA THR B 164 -9.17 3.44 -24.74
C THR B 164 -10.18 3.36 -25.89
N HIS B 165 -11.32 4.04 -25.78
CA HIS B 165 -12.30 4.13 -26.89
C HIS B 165 -11.61 4.65 -28.14
N THR B 166 -10.80 5.70 -27.95
CA THR B 166 -10.12 6.34 -29.07
C THR B 166 -9.11 5.39 -29.73
N ALA B 167 -8.31 4.70 -28.92
CA ALA B 167 -7.36 3.72 -29.44
C ALA B 167 -8.05 2.63 -30.25
N TYR B 168 -9.11 2.05 -29.67
CA TYR B 168 -9.88 0.98 -30.30
C TYR B 168 -10.43 1.44 -31.65
N ARG B 169 -11.09 2.60 -31.65
CA ARG B 169 -11.72 3.10 -32.88
C ARG B 169 -10.72 3.56 -33.93
N THR B 170 -9.55 4.06 -33.48
CA THR B 170 -8.46 4.40 -34.39
C THR B 170 -8.00 3.16 -35.13
N HIS B 171 -7.70 2.12 -34.38
CA HIS B 171 -7.33 0.86 -34.99
C HIS B 171 -8.43 0.31 -35.92
N GLU B 172 -9.66 0.27 -35.43
CA GLU B 172 -10.76 -0.27 -36.23
C GLU B 172 -10.93 0.47 -37.57
N LEU B 173 -10.93 1.81 -37.52
CA LEU B 173 -11.08 2.63 -38.71
C LEU B 173 -9.96 2.38 -39.73
N SER B 174 -8.78 2.08 -39.24
CA SER B 174 -7.63 1.84 -40.08
C SER B 174 -7.78 0.59 -40.90
N LEU B 175 -8.66 -0.30 -40.46
CA LEU B 175 -8.88 -1.56 -41.14
C LEU B 175 -9.67 -1.39 -42.42
N THR B 176 -10.62 -0.49 -42.39
CA THR B 176 -11.37 -0.08 -43.58
C THR B 176 -10.57 0.92 -44.43
N TYR B 177 -9.80 1.78 -43.74
CA TYR B 177 -9.02 2.84 -44.40
C TYR B 177 -7.52 2.78 -44.03
N PRO B 178 -6.76 1.85 -44.63
CA PRO B 178 -5.37 1.66 -44.27
C PRO B 178 -4.39 2.73 -44.82
N ASP B 179 -4.90 3.71 -45.55
CA ASP B 179 -4.03 4.69 -46.21
C ASP B 179 -4.26 6.13 -45.79
N ALA B 180 -4.69 6.30 -44.53
CA ALA B 180 -4.94 7.62 -43.95
C ALA B 180 -3.99 7.92 -42.76
N GLY B 181 -3.06 7.02 -42.49
CA GLY B 181 -2.12 7.19 -41.37
C GLY B 181 -2.74 7.02 -39.98
N LEU B 182 -3.93 6.43 -39.94
CA LEU B 182 -4.64 6.10 -38.70
C LEU B 182 -3.82 5.14 -37.86
N GLY B 183 -3.46 5.59 -36.66
CA GLY B 183 -2.65 4.77 -35.77
C GLY B 183 -1.16 4.87 -36.07
N GLU B 184 -0.80 5.73 -37.04
CA GLU B 184 0.60 5.91 -37.42
C GLU B 184 1.13 7.34 -37.20
N HIS B 185 0.28 8.34 -37.37
CA HIS B 185 0.81 9.70 -37.45
CA HIS B 185 0.72 9.73 -37.52
C HIS B 185 0.29 10.64 -36.36
N GLU B 186 -0.44 10.09 -35.38
CA GLU B 186 -0.99 10.92 -34.30
C GLU B 186 0.06 11.70 -33.46
N ARG B 187 1.21 11.11 -33.15
CA ARG B 187 2.20 11.83 -32.34
C ARG B 187 2.70 13.01 -33.16
N GLU B 188 3.03 12.75 -34.44
CA GLU B 188 3.50 13.83 -35.32
C GLU B 188 2.51 14.99 -35.34
N LEU B 189 1.21 14.68 -35.50
CA LEU B 189 0.13 15.69 -35.45
C LEU B 189 0.01 16.46 -34.12
N TRP B 190 0.03 15.73 -33.01
CA TRP B 190 -0.03 16.35 -31.68
C TRP B 190 1.16 17.32 -31.52
N GLU B 191 2.32 16.92 -32.01
CA GLU B 191 3.56 17.70 -31.83
C GLU B 191 3.74 18.85 -32.83
N LYS B 192 3.20 18.71 -34.03
CA LYS B 192 3.49 19.69 -35.10
C LYS B 192 2.30 20.33 -35.80
N GLU B 193 1.13 19.67 -35.79
CA GLU B 193 -0.04 20.24 -36.49
C GLU B 193 -0.65 21.48 -35.78
N PRO B 194 -0.75 22.62 -36.50
CA PRO B 194 -1.22 23.87 -35.85
C PRO B 194 -2.52 23.71 -35.03
N GLY B 195 -3.48 22.95 -35.54
CA GLY B 195 -4.76 22.77 -34.84
C GLY B 195 -4.65 22.13 -33.46
N TRP B 196 -3.58 21.38 -33.24
CA TRP B 196 -3.33 20.66 -31.97
C TRP B 196 -2.45 21.48 -31.04
N GLN B 197 -1.81 22.52 -31.58
CA GLN B 197 -0.81 23.24 -30.80
C GLN B 197 -1.35 24.03 -29.64
N GLY B 198 -2.55 24.59 -29.76
CA GLY B 198 -3.13 25.35 -28.67
C GLY B 198 -3.44 24.39 -27.51
N LEU B 199 -4.00 23.23 -27.85
CA LEU B 199 -4.28 22.14 -26.89
C LEU B 199 -3.05 21.64 -26.20
N ARG B 200 -2.02 21.32 -26.97
CA ARG B 200 -0.78 20.81 -26.43
C ARG B 200 -0.08 21.85 -25.56
N GLU B 201 -0.09 23.12 -25.98
CA GLU B 201 0.44 24.18 -25.12
C GLU B 201 -0.33 24.32 -23.80
N LEU B 202 -1.66 24.28 -23.87
CA LEU B 202 -2.50 24.35 -22.69
C LEU B 202 -2.18 23.21 -21.69
N MET B 203 -2.10 21.99 -22.19
CA MET B 203 -1.93 20.84 -21.29
C MET B 203 -0.53 20.79 -20.70
N GLU B 204 0.52 21.10 -21.48
CA GLU B 204 1.88 21.09 -20.94
C GLU B 204 2.03 22.07 -19.80
N LYS B 205 1.42 23.24 -19.93
CA LYS B 205 1.38 24.21 -18.86
C LYS B 205 0.44 23.82 -17.72
N GLN B 206 -0.76 23.30 -18.02
CA GLN B 206 -1.66 22.86 -16.94
C GLN B 206 -0.96 21.77 -16.11
N LEU B 207 -0.27 20.85 -16.78
CA LEU B 207 0.40 19.76 -16.07
C LEU B 207 1.54 20.21 -15.17
N THR B 208 1.98 21.46 -15.33
CA THR B 208 3.04 22.00 -14.49
C THR B 208 2.54 23.03 -13.46
N ALA B 209 1.22 23.16 -13.33
CA ALA B 209 0.60 23.92 -12.25
C ALA B 209 0.47 23.00 -11.04
N PHE B 210 1.35 23.16 -10.04
CA PHE B 210 1.47 22.17 -8.94
C PHE B 210 0.64 22.46 -7.66
N ASP B 211 0.15 23.70 -7.54
CA ASP B 211 -0.77 24.07 -6.46
C ASP B 211 -2.06 23.29 -6.67
N TRP B 212 -2.53 22.60 -5.62
CA TRP B 212 -3.71 21.74 -5.75
C TRP B 212 -4.94 22.51 -6.20
N GLY B 213 -5.13 23.71 -5.65
CA GLY B 213 -6.28 24.55 -6.01
C GLY B 213 -6.22 25.03 -7.44
N GLU B 214 -5.05 25.46 -7.90
CA GLU B 214 -4.92 25.92 -9.29
C GLU B 214 -5.04 24.75 -10.27
N ALA B 215 -4.44 23.61 -9.89
CA ALA B 215 -4.57 22.34 -10.63
C ALA B 215 -6.05 22.02 -10.81
N PHE B 216 -6.81 21.98 -9.73
CA PHE B 216 -8.24 21.68 -9.80
C PHE B 216 -9.01 22.67 -10.69
N VAL B 217 -8.79 23.96 -10.44
CA VAL B 217 -9.50 24.99 -11.21
C VAL B 217 -9.11 24.98 -12.69
N SER B 218 -7.82 24.97 -13.00
CA SER B 218 -7.40 24.93 -14.40
C SER B 218 -7.92 23.66 -15.10
N LEU B 219 -7.83 22.51 -14.43
CA LEU B 219 -8.32 21.25 -15.05
C LEU B 219 -9.83 21.18 -15.19
N ASN B 220 -10.53 21.32 -14.07
CA ASN B 220 -11.94 21.02 -14.02
C ASN B 220 -12.89 22.14 -14.40
N LEU B 221 -12.44 23.38 -14.20
CA LEU B 221 -13.30 24.55 -14.46
C LEU B 221 -12.93 25.26 -15.77
N VAL B 222 -11.72 25.02 -16.27
CA VAL B 222 -11.31 25.65 -17.53
C VAL B 222 -11.13 24.65 -18.68
N VAL B 223 -10.22 23.70 -18.51
CA VAL B 223 -9.86 22.78 -19.58
C VAL B 223 -11.07 21.88 -19.94
N LYS B 224 -11.58 21.15 -18.96
CA LYS B 224 -12.63 20.17 -19.23
C LYS B 224 -13.98 20.70 -19.79
N PRO B 225 -14.49 21.83 -19.27
CA PRO B 225 -15.69 22.39 -19.96
C PRO B 225 -15.43 22.83 -21.41
N MET B 226 -14.21 23.29 -21.70
CA MET B 226 -13.81 23.63 -23.07
C MET B 226 -13.84 22.40 -23.98
N ILE B 227 -13.37 21.27 -23.48
CA ILE B 227 -13.40 20.04 -24.25
C ILE B 227 -14.82 19.62 -24.64
N VAL B 228 -15.76 19.73 -23.71
CA VAL B 228 -17.18 19.45 -23.99
C VAL B 228 -17.73 20.40 -25.08
N GLU B 229 -17.48 21.70 -24.91
CA GLU B 229 -18.00 22.75 -25.80
C GLU B 229 -17.38 22.78 -27.15
N SER B 230 -16.05 22.66 -27.18
CA SER B 230 -15.26 22.92 -28.38
C SER B 230 -14.72 21.69 -29.06
N ILE B 231 -14.74 20.54 -28.38
CA ILE B 231 -14.27 19.31 -29.03
C ILE B 231 -15.39 18.26 -29.18
N PHE B 232 -15.94 17.78 -28.06
CA PHE B 232 -16.98 16.76 -28.10
C PHE B 232 -18.21 17.17 -28.93
N LYS B 233 -18.83 18.29 -28.59
CA LYS B 233 -20.05 18.65 -29.33
C LYS B 233 -19.83 18.95 -30.84
N PRO B 234 -18.81 19.76 -31.19
CA PRO B 234 -18.50 19.98 -32.63
C PRO B 234 -18.19 18.71 -33.41
N LEU B 235 -17.48 17.75 -32.82
CA LEU B 235 -17.27 16.47 -33.49
C LEU B 235 -18.58 15.73 -33.76
N GLN B 236 -19.53 15.77 -32.81
CA GLN B 236 -20.82 15.11 -33.02
C GLN B 236 -21.54 15.73 -34.22
N GLN B 237 -21.48 17.06 -34.28
CA GLN B 237 -22.06 17.82 -35.39
C GLN B 237 -21.44 17.42 -36.73
N GLN B 238 -20.11 17.36 -36.79
CA GLN B 238 -19.40 16.99 -38.01
C GLN B 238 -19.67 15.53 -38.42
N ALA B 239 -19.73 14.65 -37.44
CA ALA B 239 -20.04 13.25 -37.71
C ALA B 239 -21.42 13.15 -38.39
N TRP B 240 -22.39 13.90 -37.87
CA TRP B 240 -23.73 13.90 -38.45
C TRP B 240 -23.77 14.40 -39.91
N GLU B 241 -22.92 15.37 -40.24
CA GLU B 241 -22.87 15.89 -41.61
C GLU B 241 -22.10 14.94 -42.54
N ASN B 242 -21.38 13.99 -41.94
CA ASN B 242 -20.59 13.05 -42.73
C ASN B 242 -21.01 11.59 -42.61
N ASN B 243 -22.26 11.35 -42.20
CA ASN B 243 -22.86 10.01 -42.13
C ASN B 243 -22.08 9.03 -41.24
N ASP B 244 -21.49 9.56 -40.16
CA ASP B 244 -20.89 8.76 -39.09
C ASP B 244 -21.94 8.77 -37.97
N THR B 245 -22.68 7.68 -37.87
CA THR B 245 -23.72 7.59 -36.87
C THR B 245 -23.23 6.93 -35.56
N LEU B 246 -22.05 6.31 -35.61
CA LEU B 246 -21.44 5.71 -34.42
C LEU B 246 -20.81 6.75 -33.49
N LEU B 247 -19.96 7.61 -34.05
CA LEU B 247 -19.34 8.69 -33.25
C LEU B 247 -20.29 9.52 -32.35
N PRO B 248 -21.46 10.00 -32.86
CA PRO B 248 -22.34 10.71 -31.92
C PRO B 248 -22.82 9.87 -30.73
N LEU B 249 -23.06 8.57 -30.95
CA LEU B 249 -23.48 7.67 -29.85
C LEU B 249 -22.37 7.43 -28.83
N LEU B 250 -21.15 7.22 -29.34
CA LEU B 250 -19.97 7.09 -28.47
C LEU B 250 -19.74 8.38 -27.66
N ILE B 251 -19.72 9.51 -28.35
CA ILE B 251 -19.57 10.76 -27.62
C ILE B 251 -20.64 11.00 -26.57
N ASP B 252 -21.88 10.58 -26.83
CA ASP B 252 -22.91 10.75 -25.80
C ASP B 252 -22.58 9.94 -24.54
N SER B 253 -22.03 8.73 -24.69
CA SER B 253 -21.59 7.99 -23.47
C SER B 253 -20.44 8.72 -22.74
N GLN B 254 -19.48 9.22 -23.51
CA GLN B 254 -18.35 9.96 -22.89
C GLN B 254 -18.85 11.21 -22.20
N LEU B 255 -19.90 11.82 -22.78
CA LEU B 255 -20.48 13.03 -22.21
C LEU B 255 -21.16 12.80 -20.87
N LYS B 256 -21.68 11.58 -20.65
CA LYS B 256 -22.23 11.25 -19.34
C LYS B 256 -21.11 11.33 -18.30
N ASP B 257 -19.93 10.80 -18.62
CA ASP B 257 -18.76 10.93 -17.74
C ASP B 257 -18.42 12.41 -17.47
N ALA B 258 -18.31 13.19 -18.55
CA ALA B 258 -17.90 14.59 -18.48
C ALA B 258 -18.88 15.40 -17.63
N GLU B 259 -20.17 15.10 -17.76
N GLU B 259 -20.18 15.14 -17.77
CA GLU B 259 -21.21 15.78 -16.97
CA GLU B 259 -21.14 15.85 -16.93
C GLU B 259 -21.16 15.41 -15.48
C GLU B 259 -20.95 15.47 -15.46
N ARG B 260 -20.70 14.20 -15.18
CA ARG B 260 -20.47 13.80 -13.80
C ARG B 260 -19.24 14.56 -13.26
N HIS B 261 -18.19 14.71 -14.06
CA HIS B 261 -17.02 15.48 -13.59
C HIS B 261 -17.44 16.92 -13.33
N SER B 262 -18.28 17.45 -14.21
CA SER B 262 -18.81 18.82 -13.99
C SER B 262 -19.62 18.93 -12.70
N ARG B 263 -20.42 17.89 -12.37
CA ARG B 263 -21.22 17.94 -11.15
C ARG B 263 -20.35 17.96 -9.90
N TRP B 264 -19.31 17.13 -9.82
CA TRP B 264 -18.55 17.15 -8.55
C TRP B 264 -17.71 18.44 -8.47
N SER B 265 -17.25 18.93 -9.61
CA SER B 265 -16.46 20.18 -9.70
C SER B 265 -17.27 21.35 -9.14
N LYS B 266 -18.51 21.44 -9.61
CA LYS B 266 -19.44 22.50 -9.14
C LYS B 266 -19.80 22.34 -7.67
N ALA B 267 -19.97 21.10 -7.20
CA ALA B 267 -20.17 20.89 -5.77
C ALA B 267 -18.97 21.37 -4.96
N LEU B 268 -17.76 21.16 -5.49
CA LEU B 268 -16.56 21.58 -4.78
C LEU B 268 -16.47 23.12 -4.77
N VAL B 269 -16.80 23.75 -5.89
CA VAL B 269 -16.80 25.23 -5.93
C VAL B 269 -17.78 25.77 -4.88
N LYS B 270 -19.00 25.23 -4.86
CA LYS B 270 -20.00 25.60 -3.84
C LYS B 270 -19.49 25.45 -2.41
N HIS B 271 -18.83 24.32 -2.12
CA HIS B 271 -18.24 24.10 -0.82
C HIS B 271 -17.14 25.14 -0.53
N ALA B 272 -16.24 25.37 -1.50
CA ALA B 272 -15.12 26.32 -1.32
C ALA B 272 -15.58 27.77 -1.07
N LEU B 273 -16.69 28.14 -1.72
CA LEU B 273 -17.20 29.51 -1.65
C LEU B 273 -17.94 29.79 -0.34
N GLU B 274 -18.02 28.81 0.56
CA GLU B 274 -18.42 29.09 1.93
C GLU B 274 -17.40 30.03 2.62
N ASN B 275 -16.15 30.02 2.12
CA ASN B 275 -15.13 30.97 2.50
C ASN B 275 -15.14 32.10 1.45
N PRO B 276 -15.59 33.32 1.86
CA PRO B 276 -15.66 34.45 0.90
C PRO B 276 -14.34 34.77 0.20
N ASP B 277 -13.20 34.53 0.83
CA ASP B 277 -11.91 34.75 0.18
C ASP B 277 -11.73 33.95 -1.11
N ASN B 278 -12.45 32.83 -1.21
CA ASN B 278 -12.21 31.92 -2.34
C ASN B 278 -12.73 32.40 -3.68
N HIS B 279 -13.73 33.27 -3.66
CA HIS B 279 -14.26 33.86 -4.89
C HIS B 279 -13.16 34.53 -5.76
N ALA B 280 -12.36 35.42 -5.15
CA ALA B 280 -11.28 36.09 -5.88
C ALA B 280 -10.17 35.11 -6.32
N VAL B 281 -9.87 34.14 -5.48
CA VAL B 281 -8.84 33.14 -5.77
C VAL B 281 -9.25 32.32 -7.01
N ILE B 282 -10.49 31.82 -7.00
CA ILE B 282 -11.02 31.02 -8.11
C ILE B 282 -11.16 31.84 -9.39
N GLU B 283 -11.73 33.04 -9.28
CA GLU B 283 -11.92 33.92 -10.44
C GLU B 283 -10.59 34.24 -11.15
N GLY B 284 -9.58 34.56 -10.36
CA GLY B 284 -8.27 34.91 -10.88
C GLY B 284 -7.55 33.79 -11.59
N TRP B 285 -7.71 32.57 -11.08
CA TRP B 285 -7.20 31.39 -11.78
C TRP B 285 -7.98 31.14 -13.07
N ILE B 286 -9.31 31.31 -13.05
CA ILE B 286 -10.11 31.15 -14.27
C ILE B 286 -9.66 32.16 -15.34
N GLU B 287 -9.40 33.40 -14.93
CA GLU B 287 -8.93 34.43 -15.87
C GLU B 287 -7.51 34.20 -16.35
N LYS B 288 -6.68 33.58 -15.51
CA LYS B 288 -5.32 33.27 -15.89
C LYS B 288 -5.35 32.22 -17.00
N TRP B 289 -6.21 31.21 -16.83
CA TRP B 289 -6.21 30.04 -17.72
C TRP B 289 -7.11 30.13 -18.96
N ARG B 290 -8.20 30.90 -18.88
CA ARG B 290 -9.18 30.98 -19.97
C ARG B 290 -8.65 31.35 -21.38
N PRO B 291 -7.72 32.34 -21.48
CA PRO B 291 -7.15 32.63 -22.81
C PRO B 291 -6.39 31.46 -23.46
N LEU B 292 -5.62 30.71 -22.67
CA LEU B 292 -4.99 29.51 -23.23
C LEU B 292 -6.06 28.55 -23.71
N ALA B 293 -7.11 28.36 -22.91
CA ALA B 293 -8.21 27.46 -23.26
C ALA B 293 -8.92 27.91 -24.54
N ASP B 294 -9.21 29.22 -24.61
CA ASP B 294 -9.83 29.84 -25.79
C ASP B 294 -9.07 29.69 -27.08
N ARG B 295 -7.76 29.93 -27.02
CA ARG B 295 -6.88 29.73 -28.17
C ARG B 295 -6.76 28.25 -28.58
N ALA B 296 -6.73 27.36 -27.57
CA ALA B 296 -6.83 25.91 -27.78
C ALA B 296 -8.05 25.53 -28.62
N ALA B 297 -9.22 25.98 -28.19
CA ALA B 297 -10.49 25.71 -28.84
C ALA B 297 -10.55 26.30 -30.25
N GLU B 298 -10.05 27.54 -30.40
CA GLU B 298 -10.13 28.22 -31.71
C GLU B 298 -9.30 27.48 -32.77
N ALA B 299 -8.07 27.10 -32.42
CA ALA B 299 -7.19 26.41 -33.35
C ALA B 299 -7.75 25.03 -33.75
N TYR B 300 -8.29 24.31 -32.77
CA TYR B 300 -8.90 23.01 -33.02
C TYR B 300 -10.08 23.09 -34.01
N LEU B 301 -11.03 23.99 -33.72
CA LEU B 301 -12.21 24.17 -34.57
C LEU B 301 -11.87 24.61 -35.99
N SER B 302 -10.86 25.44 -36.14
CA SER B 302 -10.45 25.81 -37.49
C SER B 302 -9.79 24.63 -38.22
N MET B 303 -9.00 23.82 -37.51
CA MET B 303 -8.51 22.55 -38.06
C MET B 303 -9.68 21.62 -38.45
N LEU B 304 -10.67 21.50 -37.58
CA LEU B 304 -11.81 20.59 -37.79
C LEU B 304 -12.73 21.01 -38.95
N SER B 305 -12.94 22.32 -39.11
CA SER B 305 -13.86 22.86 -40.11
C SER B 305 -13.22 23.18 -41.45
N SER B 306 -11.90 22.98 -41.56
CA SER B 306 -11.19 23.22 -42.81
C SER B 306 -11.17 21.97 -43.69
N SER C 2 17.91 16.93 38.21
CA SER C 2 19.13 16.17 37.82
C SER C 2 18.75 14.73 37.45
N ALA C 3 17.51 14.63 36.95
CA ALA C 3 17.03 13.51 36.12
C ALA C 3 17.94 13.29 34.91
N PHE C 4 18.28 12.03 34.65
CA PHE C 4 19.22 11.66 33.60
C PHE C 4 18.64 10.41 32.91
N PRO C 5 18.16 10.56 31.67
CA PRO C 5 17.64 9.37 30.98
C PRO C 5 18.77 8.51 30.39
N VAL C 6 18.69 7.21 30.60
CA VAL C 6 19.54 6.25 29.88
C VAL C 6 18.70 5.18 29.22
N HIS C 7 19.32 4.47 28.28
CA HIS C 7 18.68 3.32 27.71
C HIS C 7 19.45 2.14 28.28
N ALA C 8 18.72 1.21 28.87
CA ALA C 8 19.36 0.14 29.60
C ALA C 8 18.93 -1.26 29.15
N ALA C 9 19.92 -2.09 28.90
CA ALA C 9 19.69 -3.50 28.61
C ALA C 9 20.12 -4.35 29.80
N PHE C 10 19.17 -5.05 30.41
CA PHE C 10 19.44 -5.92 31.55
C PHE C 10 19.75 -7.36 31.11
N GLU C 11 20.79 -7.96 31.69
CA GLU C 11 21.19 -9.36 31.38
C GLU C 11 20.05 -10.39 31.44
N LYS C 12 19.86 -11.08 30.32
CA LYS C 12 18.86 -12.13 30.13
C LYS C 12 17.46 -11.65 29.72
N ASP C 13 17.25 -10.32 29.72
CA ASP C 13 15.98 -9.71 29.34
C ASP C 13 15.89 -9.67 27.80
N PHE C 14 14.74 -9.28 27.23
CA PHE C 14 14.56 -9.38 25.75
C PHE C 14 14.68 -8.04 25.03
N LEU C 15 14.77 -6.94 25.79
CA LEU C 15 14.76 -5.60 25.23
C LEU C 15 15.63 -4.59 25.98
N VAL C 16 15.75 -3.41 25.38
CA VAL C 16 16.35 -2.23 25.98
C VAL C 16 15.18 -1.32 26.36
N GLN C 17 15.25 -0.71 27.56
CA GLN C 17 14.20 0.19 28.08
C GLN C 17 14.75 1.54 28.46
N LEU C 18 13.89 2.55 28.40
CA LEU C 18 14.20 3.86 28.94
C LEU C 18 14.14 3.78 30.46
N VAL C 19 15.26 4.06 31.13
CA VAL C 19 15.23 4.15 32.60
C VAL C 19 15.76 5.53 32.98
N VAL C 20 15.00 6.28 33.77
CA VAL C 20 15.42 7.60 34.20
C VAL C 20 16.12 7.49 35.55
N VAL C 21 17.42 7.76 35.56
CA VAL C 21 18.20 7.74 36.78
C VAL C 21 18.53 9.18 37.20
N ASP C 22 19.37 9.30 38.23
CA ASP C 22 19.80 10.60 38.72
C ASP C 22 21.28 10.81 38.46
N LEU C 23 21.61 12.04 38.08
CA LEU C 23 22.99 12.49 37.88
C LEU C 23 23.97 12.03 38.97
N ASN C 24 23.55 12.04 40.23
CA ASN C 24 24.44 11.64 41.33
C ASN C 24 24.27 10.20 41.85
N ASP C 25 23.52 9.37 41.11
CA ASP C 25 23.41 7.94 41.44
C ASP C 25 24.74 7.22 41.27
N SER C 26 25.09 6.32 42.18
CA SER C 26 26.19 5.40 41.94
C SER C 26 25.77 4.33 40.94
N MET C 27 26.75 3.66 40.33
CA MET C 27 26.48 2.52 39.47
C MET C 27 25.66 1.44 40.18
N ASP C 28 25.95 1.22 41.47
CA ASP C 28 25.10 0.36 42.31
C ASP C 28 23.63 0.80 42.29
N GLN C 29 23.39 2.10 42.44
CA GLN C 29 22.01 2.65 42.45
C GLN C 29 21.34 2.63 41.05
N VAL C 30 22.15 2.89 40.02
CA VAL C 30 21.73 2.73 38.61
C VAL C 30 21.25 1.31 38.37
N ALA C 31 22.07 0.33 38.75
CA ALA C 31 21.75 -1.08 38.59
C ALA C 31 20.42 -1.49 39.24
N GLU C 32 20.22 -1.08 40.49
CA GLU C 32 18.94 -1.31 41.17
C GLU C 32 17.72 -0.70 40.45
N LYS C 33 17.84 0.54 39.97
CA LYS C 33 16.74 1.22 39.28
C LYS C 33 16.37 0.52 37.95
N VAL C 34 17.38 0.02 37.24
CA VAL C 34 17.13 -0.80 36.04
C VAL C 34 16.44 -2.11 36.41
N ALA C 35 16.98 -2.82 37.40
CA ALA C 35 16.48 -4.15 37.83
C ALA C 35 15.00 -4.12 38.22
N TYR C 36 14.57 -2.98 38.77
CA TYR C 36 13.17 -2.81 39.13
C TYR C 36 12.25 -3.15 37.96
N HIS C 37 12.67 -2.74 36.76
CA HIS C 37 11.86 -2.91 35.55
C HIS C 37 12.13 -4.23 34.82
N CYS C 38 12.92 -5.15 35.40
CA CYS C 38 13.31 -6.42 34.73
C CYS C 38 13.20 -7.64 35.64
N VAL C 39 13.91 -7.60 36.76
CA VAL C 39 13.98 -8.75 37.66
C VAL C 39 12.57 -8.99 38.24
N ASN C 40 12.17 -10.26 38.28
CA ASN C 40 10.81 -10.67 38.66
C ASN C 40 9.66 -10.18 37.74
N ARG C 41 9.99 -9.57 36.61
CA ARG C 41 9.01 -9.25 35.56
C ARG C 41 9.24 -10.19 34.37
N ARG C 42 10.49 -10.19 33.88
CA ARG C 42 10.89 -11.07 32.78
C ARG C 42 12.19 -11.81 33.00
N VAL C 43 12.93 -11.42 34.04
CA VAL C 43 14.24 -11.98 34.37
C VAL C 43 14.17 -12.59 35.79
N ALA C 44 14.63 -13.84 35.89
CA ALA C 44 14.63 -14.56 37.17
C ALA C 44 15.70 -13.97 38.10
N PRO C 45 15.36 -13.79 39.38
CA PRO C 45 16.33 -13.27 40.34
C PRO C 45 17.49 -14.25 40.53
N ARG C 46 18.64 -13.74 40.94
CA ARG C 46 19.82 -14.60 41.11
C ARG C 46 20.79 -13.88 42.03
N GLU C 47 21.72 -14.65 42.58
CA GLU C 47 22.77 -14.14 43.46
C GLU C 47 23.91 -13.57 42.64
N GLY C 48 24.59 -12.58 43.22
CA GLY C 48 25.75 -11.99 42.58
C GLY C 48 25.65 -10.48 42.62
N VAL C 49 26.65 -9.83 42.04
CA VAL C 49 26.69 -8.39 42.09
C VAL C 49 26.40 -7.79 40.72
N MET C 50 25.42 -6.89 40.67
CA MET C 50 25.09 -6.19 39.42
C MET C 50 26.09 -5.08 39.12
N ARG C 51 26.55 -5.07 37.87
CA ARG C 51 27.53 -4.09 37.42
C ARG C 51 26.97 -3.38 36.19
N VAL C 52 27.51 -2.20 35.91
CA VAL C 52 27.05 -1.37 34.81
C VAL C 52 28.21 -1.18 33.86
N ARG C 53 27.94 -1.28 32.55
CA ARG C 53 28.93 -0.94 31.52
C ARG C 53 28.29 -0.16 30.37
N LYS C 54 29.07 0.61 29.61
CA LYS C 54 28.56 1.16 28.33
C LYS C 54 28.18 -0.03 27.47
N HIS C 55 27.10 0.14 26.71
CA HIS C 55 26.56 -0.97 25.92
C HIS C 55 27.65 -1.65 25.08
N ARG C 56 27.76 -2.98 25.20
CA ARG C 56 28.69 -3.81 24.40
C ARG C 56 30.16 -3.73 24.90
N SER C 57 30.41 -2.89 25.90
CA SER C 57 31.75 -2.68 26.46
C SER C 57 32.31 -3.93 27.08
N THR C 58 33.62 -3.89 27.35
CA THR C 58 34.25 -4.89 28.19
C THR C 58 34.43 -4.30 29.59
N GLU C 59 34.89 -3.04 29.65
CA GLU C 59 35.12 -2.30 30.90
C GLU C 59 33.85 -1.98 31.69
N LEU C 60 33.81 -2.46 32.94
CA LEU C 60 32.73 -2.10 33.87
C LEU C 60 33.06 -0.79 34.55
N PHE C 61 32.05 0.02 34.84
CA PHE C 61 32.25 1.20 35.65
C PHE C 61 32.43 0.75 37.10
N PRO C 62 33.25 1.47 37.90
CA PRO C 62 33.30 1.15 39.33
C PRO C 62 31.93 1.31 40.04
N ARG C 63 31.67 0.46 41.03
CA ARG C 63 30.37 0.44 41.69
C ARG C 63 30.01 1.75 42.36
N ASP C 64 31.03 2.45 42.87
CA ASP C 64 30.87 3.62 43.60
CA ASP C 64 30.82 3.65 43.66
C ASP C 64 30.79 4.88 42.77
N MET C 65 31.25 4.74 41.53
CA MET C 65 31.26 5.84 40.55
C MET C 65 29.84 6.33 40.27
N THR C 66 29.66 7.65 40.23
CA THR C 66 28.36 8.21 39.95
C THR C 66 28.20 8.36 38.45
N ILE C 67 26.97 8.59 37.99
CA ILE C 67 26.81 8.75 36.55
C ILE C 67 27.47 10.06 36.05
N ALA C 68 27.46 11.10 36.90
CA ALA C 68 28.12 12.37 36.52
C ALA C 68 29.63 12.17 36.33
N GLU C 69 30.24 11.37 37.21
CA GLU C 69 31.68 11.04 37.13
C GLU C 69 31.99 10.11 35.96
N SER C 70 30.97 9.44 35.43
CA SER C 70 31.16 8.41 34.42
C SER C 70 31.46 8.97 33.03
N GLY C 71 31.08 10.22 32.79
CA GLY C 71 31.17 10.79 31.47
C GLY C 71 30.11 10.31 30.45
N LEU C 72 29.18 9.44 30.89
CA LEU C 72 28.00 9.09 30.06
C LEU C 72 27.19 10.33 29.70
N ASN C 73 26.62 10.30 28.50
CA ASN C 73 25.74 11.37 28.05
C ASN C 73 24.28 10.92 28.14
N PRO C 74 23.33 11.87 28.26
CA PRO C 74 21.94 11.46 28.35
C PRO C 74 21.52 10.67 27.11
N THR C 75 20.75 9.60 27.32
CA THR C 75 20.20 8.73 26.25
C THR C 75 21.22 7.76 25.64
N GLU C 76 22.43 7.72 26.18
CA GLU C 76 23.37 6.67 25.83
C GLU C 76 22.86 5.33 26.36
N VAL C 77 23.35 4.23 25.80
CA VAL C 77 22.93 2.88 26.16
C VAL C 77 23.95 2.24 27.09
N ILE C 78 23.45 1.68 28.18
CA ILE C 78 24.21 0.89 29.15
C ILE C 78 23.68 -0.53 29.23
N ASP C 79 24.55 -1.47 29.62
CA ASP C 79 24.16 -2.81 29.97
C ASP C 79 24.29 -2.95 31.49
N VAL C 80 23.43 -3.76 32.08
CA VAL C 80 23.53 -4.15 33.46
C VAL C 80 23.68 -5.63 33.49
N VAL C 81 24.83 -6.08 33.97
CA VAL C 81 25.20 -7.47 33.95
C VAL C 81 25.74 -7.93 35.28
N PHE C 82 25.96 -9.22 35.41
CA PHE C 82 26.51 -9.80 36.64
C PHE C 82 27.98 -10.20 36.48
N GLU C 83 28.80 -9.91 37.50
CA GLU C 83 30.21 -10.33 37.51
C GLU C 83 30.29 -11.86 37.32
N GLU C 84 31.23 -12.31 36.49
CA GLU C 84 31.53 -13.74 36.41
C GLU C 84 32.61 -14.07 37.45
N SER D 2 20.52 -21.65 6.83
CA SER D 2 21.07 -21.26 5.49
C SER D 2 21.31 -22.43 4.52
N THR D 3 21.62 -23.62 5.04
CA THR D 3 21.47 -24.83 4.23
C THR D 3 19.98 -24.94 3.84
N LEU D 4 19.09 -24.85 4.82
CA LEU D 4 17.65 -24.79 4.55
C LEU D 4 17.28 -23.64 3.61
N ALA D 5 17.80 -22.44 3.89
CA ALA D 5 17.54 -21.26 3.04
C ALA D 5 18.08 -21.38 1.62
N ASP D 6 19.32 -21.88 1.50
CA ASP D 6 19.93 -22.10 0.19
C ASP D 6 19.07 -23.03 -0.66
N GLN D 7 18.58 -24.10 -0.03
CA GLN D 7 17.76 -25.09 -0.73
C GLN D 7 16.36 -24.54 -1.09
N ALA D 8 15.79 -23.74 -0.19
CA ALA D 8 14.56 -23.00 -0.50
C ALA D 8 14.72 -22.06 -1.72
N LEU D 9 15.82 -21.33 -1.80
CA LEU D 9 16.09 -20.37 -2.89
C LEU D 9 16.37 -21.06 -4.24
N HIS D 10 17.10 -22.16 -4.19
CA HIS D 10 17.50 -22.92 -5.38
C HIS D 10 16.41 -23.84 -5.90
N ASN D 11 15.33 -23.21 -6.36
CA ASN D 11 14.24 -23.92 -6.98
C ASN D 11 14.00 -23.22 -8.33
N ASN D 12 13.34 -23.91 -9.25
CA ASN D 12 12.89 -23.32 -10.51
C ASN D 12 11.37 -23.49 -10.64
N ASN D 13 10.68 -23.43 -9.51
CA ASN D 13 9.26 -23.69 -9.46
C ASN D 13 8.48 -22.51 -10.02
N VAL D 14 7.63 -22.76 -10.98
CA VAL D 14 6.74 -21.74 -11.46
C VAL D 14 5.29 -22.21 -11.50
N GLY D 15 4.36 -21.30 -11.39
CA GLY D 15 2.95 -21.64 -11.44
C GLY D 15 1.99 -20.79 -10.65
N PRO D 16 0.70 -20.98 -10.91
CA PRO D 16 -0.31 -20.12 -10.28
C PRO D 16 -0.56 -20.49 -8.82
N ILE D 17 -0.92 -19.49 -8.04
CA ILE D 17 -1.47 -19.74 -6.70
C ILE D 17 -2.94 -19.34 -6.84
N ILE D 18 -3.82 -20.32 -6.70
CA ILE D 18 -5.28 -20.13 -6.95
C ILE D 18 -5.97 -20.08 -5.62
N ARG D 19 -6.76 -19.03 -5.40
CA ARG D 19 -7.50 -18.92 -4.13
C ARG D 19 -8.68 -19.91 -4.13
N ALA D 20 -9.09 -20.32 -2.92
CA ALA D 20 -10.20 -21.26 -2.76
C ALA D 20 -11.42 -20.83 -3.57
N GLY D 21 -12.02 -21.78 -4.24
CA GLY D 21 -13.15 -21.45 -5.09
C GLY D 21 -13.24 -22.44 -6.25
N ASP D 22 -14.03 -22.08 -7.26
CA ASP D 22 -14.38 -23.00 -8.33
C ASP D 22 -13.26 -23.20 -9.39
N LEU D 23 -12.14 -22.49 -9.24
CA LEU D 23 -11.04 -22.63 -10.21
C LEU D 23 -9.91 -23.58 -9.75
N VAL D 24 -9.93 -23.98 -8.49
CA VAL D 24 -8.83 -24.79 -7.99
C VAL D 24 -8.66 -26.07 -8.80
N GLU D 25 -9.68 -26.94 -8.83
CA GLU D 25 -9.47 -28.24 -9.49
C GLU D 25 -9.31 -28.12 -11.01
N PRO D 26 -10.13 -27.26 -11.67
CA PRO D 26 -9.94 -27.04 -13.09
C PRO D 26 -8.51 -26.57 -13.45
N VAL D 27 -7.90 -25.74 -12.60
CA VAL D 27 -6.54 -25.28 -12.93
C VAL D 27 -5.53 -26.40 -12.73
N ILE D 28 -5.70 -27.18 -11.66
CA ILE D 28 -4.79 -28.33 -11.45
C ILE D 28 -4.89 -29.28 -12.65
N GLU D 29 -6.11 -29.69 -12.99
CA GLU D 29 -6.35 -30.52 -14.19
C GLU D 29 -5.73 -29.95 -15.45
N THR D 30 -5.91 -28.64 -15.68
CA THR D 30 -5.37 -27.98 -16.87
C THR D 30 -3.85 -27.95 -16.86
N ALA D 31 -3.25 -27.67 -15.71
CA ALA D 31 -1.79 -27.73 -15.59
C ALA D 31 -1.27 -29.12 -16.02
N GLU D 32 -1.95 -30.19 -15.60
CA GLU D 32 -1.52 -31.57 -15.97
C GLU D 32 -1.63 -31.78 -17.48
N ILE D 33 -2.79 -31.39 -18.04
CA ILE D 33 -3.07 -31.61 -19.47
C ILE D 33 -2.17 -30.80 -20.38
N ASP D 34 -1.98 -29.51 -20.07
CA ASP D 34 -1.25 -28.62 -20.96
C ASP D 34 0.27 -28.66 -20.77
N ASN D 35 0.76 -29.44 -19.82
CA ASN D 35 2.19 -29.62 -19.64
C ASN D 35 2.51 -31.13 -19.57
N PRO D 36 2.26 -31.84 -20.68
CA PRO D 36 2.47 -33.30 -20.70
C PRO D 36 3.96 -33.56 -20.47
N GLY D 37 4.29 -34.53 -19.63
CA GLY D 37 5.71 -34.79 -19.35
C GLY D 37 6.40 -33.79 -18.42
N LYS D 38 5.63 -32.90 -17.80
CA LYS D 38 6.08 -32.19 -16.59
C LYS D 38 5.27 -32.73 -15.43
N GLU D 39 5.95 -32.97 -14.32
CA GLU D 39 5.28 -33.32 -13.10
C GLU D 39 4.66 -32.03 -12.56
N ILE D 40 3.43 -32.09 -12.10
CA ILE D 40 2.80 -30.94 -11.44
CA ILE D 40 2.79 -30.94 -11.45
C ILE D 40 2.73 -31.18 -9.93
N THR D 41 3.24 -30.24 -9.15
CA THR D 41 3.14 -30.34 -7.70
C THR D 41 2.05 -29.42 -7.19
N VAL D 42 1.34 -29.86 -6.16
CA VAL D 42 0.19 -29.13 -5.63
C VAL D 42 0.36 -29.07 -4.12
N GLU D 43 0.36 -27.88 -3.53
CA GLU D 43 0.35 -27.74 -2.06
C GLU D 43 -0.93 -27.07 -1.65
N ASP D 44 -1.71 -27.76 -0.83
CA ASP D 44 -3.05 -27.30 -0.45
C ASP D 44 -2.96 -26.55 0.86
N ARG D 45 -3.30 -25.26 0.85
CA ARG D 45 -3.30 -24.45 2.08
C ARG D 45 -4.71 -23.98 2.44
N ARG D 46 -5.71 -24.66 1.88
CA ARG D 46 -7.15 -24.50 2.17
C ARG D 46 -7.73 -23.20 1.60
N ALA D 47 -7.10 -22.08 1.93
CA ALA D 47 -7.51 -20.77 1.40
C ALA D 47 -6.94 -20.54 0.02
N TYR D 48 -5.87 -21.27 -0.30
CA TYR D 48 -5.26 -21.18 -1.60
C TYR D 48 -4.53 -22.49 -1.89
N VAL D 49 -4.26 -22.75 -3.15
CA VAL D 49 -3.46 -23.87 -3.57
C VAL D 49 -2.29 -23.40 -4.47
N ARG D 50 -1.08 -23.85 -4.17
CA ARG D 50 0.13 -23.50 -4.89
C ARG D 50 0.42 -24.63 -5.87
N ILE D 51 0.35 -24.33 -7.15
CA ILE D 51 0.47 -25.34 -8.20
C ILE D 51 1.74 -24.97 -8.94
N ALA D 52 2.63 -25.94 -9.13
CA ALA D 52 3.92 -25.66 -9.77
C ALA D 52 4.43 -26.72 -10.73
N ALA D 53 5.34 -26.30 -11.61
CA ALA D 53 6.17 -27.18 -12.44
C ALA D 53 7.56 -26.56 -12.52
N GLU D 54 8.51 -27.35 -13.02
CA GLU D 54 9.89 -26.89 -13.21
C GLU D 54 10.02 -26.04 -14.48
N GLY D 55 10.46 -24.80 -14.31
CA GLY D 55 10.91 -23.96 -15.41
C GLY D 55 9.84 -23.24 -16.21
N GLU D 56 8.76 -23.95 -16.55
CA GLU D 56 7.64 -23.40 -17.33
C GLU D 56 6.34 -24.16 -17.01
N LEU D 57 5.23 -23.41 -16.86
CA LEU D 57 3.91 -23.97 -16.69
C LEU D 57 2.93 -23.16 -17.55
N ILE D 58 2.29 -23.81 -18.51
CA ILE D 58 1.28 -23.18 -19.38
C ILE D 58 -0.16 -23.52 -18.92
N LEU D 59 -1.05 -22.53 -18.97
CA LEU D 59 -2.48 -22.79 -18.88
C LEU D 59 -3.14 -22.28 -20.14
N THR D 60 -3.81 -23.13 -20.91
CA THR D 60 -4.50 -22.59 -22.10
C THR D 60 -5.96 -22.35 -21.77
N ARG D 61 -6.52 -21.29 -22.34
CA ARG D 61 -7.92 -20.96 -22.20
C ARG D 61 -8.79 -22.17 -22.61
N LYS D 62 -8.44 -22.80 -23.73
CA LYS D 62 -9.25 -23.88 -24.27
C LYS D 62 -9.33 -25.06 -23.32
N THR D 63 -8.20 -25.47 -22.74
CA THR D 63 -8.23 -26.55 -21.79
C THR D 63 -8.97 -26.12 -20.52
N LEU D 64 -8.67 -24.91 -20.04
CA LEU D 64 -9.32 -24.43 -18.81
C LEU D 64 -10.84 -24.41 -18.96
N GLU D 65 -11.32 -23.87 -20.08
CA GLU D 65 -12.75 -23.91 -20.39
C GLU D 65 -13.30 -25.33 -20.31
N GLU D 66 -12.65 -26.29 -20.98
CA GLU D 66 -13.08 -27.70 -20.88
C GLU D 66 -13.12 -28.26 -19.44
N GLN D 67 -12.08 -28.01 -18.67
CA GLN D 67 -12.01 -28.52 -17.30
C GLN D 67 -12.97 -27.82 -16.38
N LEU D 68 -13.21 -26.54 -16.61
CA LEU D 68 -14.09 -25.76 -15.74
C LEU D 68 -15.55 -26.11 -16.07
N GLY D 69 -15.83 -26.39 -17.34
CA GLY D 69 -17.18 -26.85 -17.74
C GLY D 69 -18.14 -25.73 -18.12
N ARG D 70 -17.64 -24.52 -18.36
CA ARG D 70 -18.50 -23.40 -18.76
C ARG D 70 -17.68 -22.43 -19.62
N PRO D 71 -18.33 -21.59 -20.44
CA PRO D 71 -17.59 -20.60 -21.22
C PRO D 71 -16.65 -19.78 -20.34
N PHE D 72 -15.43 -19.59 -20.82
CA PHE D 72 -14.35 -18.95 -20.03
C PHE D 72 -13.43 -18.14 -20.93
N ASN D 73 -13.18 -16.88 -20.58
CA ASN D 73 -12.22 -16.04 -21.29
C ASN D 73 -11.00 -15.96 -20.41
N MET D 74 -9.81 -15.95 -21.01
CA MET D 74 -8.55 -16.02 -20.23
C MET D 74 -8.44 -14.92 -19.16
N GLN D 75 -8.88 -13.70 -19.45
CA GLN D 75 -8.76 -12.59 -18.47
C GLN D 75 -9.48 -12.90 -17.15
N GLU D 76 -10.49 -13.79 -17.20
CA GLU D 76 -11.30 -14.13 -16.03
C GLU D 76 -10.50 -14.81 -14.94
N LEU D 77 -9.38 -15.44 -15.31
CA LEU D 77 -8.53 -16.09 -14.33
C LEU D 77 -8.11 -15.13 -13.20
N GLU D 78 -7.99 -13.83 -13.53
CA GLU D 78 -7.72 -12.80 -12.51
C GLU D 78 -8.65 -12.83 -11.28
N ILE D 79 -9.91 -13.23 -11.45
CA ILE D 79 -10.81 -13.38 -10.32
C ILE D 79 -10.27 -14.33 -9.24
N ASN D 80 -9.50 -15.32 -9.64
CA ASN D 80 -9.00 -16.40 -8.77
C ASN D 80 -7.48 -16.61 -8.67
N LEU D 81 -6.72 -15.84 -9.41
CA LEU D 81 -5.27 -15.90 -9.40
C LEU D 81 -4.75 -15.01 -8.29
N ALA D 82 -4.60 -15.57 -7.13
CA ALA D 82 -4.17 -14.82 -5.98
C ALA D 82 -2.71 -14.41 -6.02
N SER D 83 -1.85 -15.25 -6.56
CA SER D 83 -0.42 -14.92 -6.77
C SER D 83 0.11 -15.88 -7.83
N PHE D 84 1.41 -15.83 -8.10
CA PHE D 84 2.04 -16.80 -9.00
C PHE D 84 3.54 -16.76 -8.75
N ALA D 85 4.18 -17.90 -9.01
CA ALA D 85 5.64 -18.03 -9.07
C ALA D 85 6.07 -18.01 -10.53
N GLY D 86 7.19 -17.35 -10.78
CA GLY D 86 7.73 -17.18 -12.13
C GLY D 86 7.35 -15.83 -12.73
N GLN D 87 7.96 -15.50 -13.87
CA GLN D 87 7.49 -14.36 -14.64
C GLN D 87 6.27 -14.80 -15.43
N ILE D 88 5.43 -13.86 -15.80
CA ILE D 88 4.16 -14.16 -16.45
C ILE D 88 4.17 -13.65 -17.89
N GLN D 89 3.64 -14.45 -18.80
CA GLN D 89 3.34 -13.99 -20.15
C GLN D 89 1.92 -14.43 -20.46
N ALA D 90 1.05 -13.48 -20.75
CA ALA D 90 -0.37 -13.81 -20.86
C ALA D 90 -1.01 -13.14 -22.05
N ASP D 91 -1.85 -13.89 -22.77
CA ASP D 91 -2.71 -13.35 -23.86
C ASP D 91 -4.10 -14.01 -23.86
N GLU D 92 -4.88 -13.78 -24.92
CA GLU D 92 -6.27 -14.28 -24.98
C GLU D 92 -6.34 -15.80 -25.00
N ASP D 93 -5.25 -16.43 -25.39
CA ASP D 93 -5.25 -17.87 -25.62
C ASP D 93 -4.64 -18.69 -24.49
N GLN D 94 -3.73 -18.06 -23.71
CA GLN D 94 -3.04 -18.78 -22.65
C GLN D 94 -2.29 -17.86 -21.72
N ILE D 95 -1.77 -18.50 -20.67
CA ILE D 95 -0.88 -17.84 -19.74
CA ILE D 95 -0.86 -17.84 -19.75
C ILE D 95 0.33 -18.74 -19.51
N ARG D 96 1.52 -18.15 -19.58
CA ARG D 96 2.76 -18.88 -19.34
C ARG D 96 3.45 -18.32 -18.09
N PHE D 97 3.79 -19.21 -17.15
CA PHE D 97 4.62 -18.87 -15.99
C PHE D 97 5.97 -19.48 -16.29
N TYR D 98 7.05 -18.71 -16.12
CA TYR D 98 8.35 -19.19 -16.57
C TYR D 98 9.48 -18.43 -15.89
N PHE D 99 10.67 -19.04 -15.89
CA PHE D 99 11.88 -18.34 -15.48
C PHE D 99 12.86 -18.21 -16.67
N ASP D 100 13.59 -17.10 -16.70
CA ASP D 100 14.75 -16.91 -17.62
C ASP D 100 15.95 -17.78 -17.18
N LYS D 101 16.24 -17.80 -15.87
CA LYS D 101 17.40 -18.51 -15.33
C LYS D 101 17.09 -19.91 -14.81
N THR D 102 18.13 -20.75 -14.72
CA THR D 102 18.07 -22.05 -14.07
C THR D 102 18.97 -22.06 -12.83
N MET D 103 18.35 -22.17 -11.65
CA MET D 103 19.05 -22.33 -10.37
C MET D 103 18.97 -23.79 -9.89
FE FE E . -3.91 -3.05 -1.79
FE FE F . -1.29 -3.12 -3.77
O1 BML G . 4.45 -1.67 22.79
C1 BML G . 5.51 -2.47 22.51
C2 BML G . 5.56 -3.11 21.28
C3 BML G . 6.63 -3.93 20.97
C4 BML G . 7.67 -4.10 21.90
C5 BML G . 7.60 -3.44 23.14
C6 BML G . 6.52 -2.62 23.45
BR4 BML G . 9.14 -5.20 21.48
O1 BML H . 5.63 6.47 32.99
C1 BML H . 5.37 5.66 31.93
C2 BML H . 5.31 4.28 32.09
C3 BML H . 5.07 3.45 31.02
C4 BML H . 4.85 3.99 29.75
C5 BML H . 4.89 5.38 29.58
C6 BML H . 5.16 6.21 30.66
BR4 BML H . 4.51 2.87 28.26
OH4 1PE I . -2.01 -2.38 -0.94
C14 1PE I . -0.06 -1.50 0.06
C24 1PE I . -0.59 -2.43 -1.02
OH5 1PE I . -0.97 -1.33 1.15
C15 1PE I . -0.89 -2.30 3.31
C25 1PE I . -1.32 -2.53 1.88
OH6 1PE I . -0.97 -0.90 3.59
C26 1PE I . -1.46 -0.72 4.91
CL CL J . 26.66 -1.52 7.25
O1 BML K . 7.21 0.86 19.33
C1 BML K . 6.78 1.36 20.53
C2 BML K . 6.15 0.55 21.50
C3 BML K . 5.73 1.13 22.71
C4 BML K . 5.95 2.48 22.92
C5 BML K . 6.56 3.26 21.96
C6 BML K . 6.98 2.70 20.76
BR4 BML K . 5.45 3.34 24.51
C1 BTB L . -2.01 -26.96 5.42
O1 BTB L . -0.74 -26.30 5.65
C2 BTB L . -2.14 -28.25 6.25
C3 BTB L . -2.17 -27.92 7.75
O3 BTB L . -3.37 -27.22 8.13
C4 BTB L . -0.89 -29.10 6.00
O4 BTB L . -0.92 -29.68 4.69
N BTB L . -3.31 -29.12 5.87
C5 BTB L . -4.07 -28.98 4.61
C6 BTB L . -4.99 -27.76 4.60
O6 BTB L . -5.94 -27.81 5.67
C7 BTB L . -3.68 -30.29 6.70
C8 BTB L . -4.87 -29.92 7.60
O8 BTB L . -5.76 -31.04 7.66
O1 BML M . -13.15 0.56 -24.92
C1 BML M . -13.75 -0.46 -25.60
C2 BML M . -15.00 -1.00 -25.25
C3 BML M . -15.54 -2.05 -26.01
C4 BML M . -14.83 -2.54 -27.14
C5 BML M . -13.59 -1.97 -27.44
C6 BML M . -13.05 -0.94 -26.68
BR4 BML M . -15.43 -3.94 -28.30
O1 BML N . -3.87 -11.09 -20.79
C1 BML N . -4.08 -11.72 -19.60
C2 BML N . -3.46 -11.17 -18.49
C3 BML N . -3.64 -11.79 -17.26
C4 BML N . -4.44 -12.91 -17.14
C5 BML N . -5.07 -13.47 -18.27
C6 BML N . -4.87 -12.86 -19.51
BR4 BML N . -4.64 -13.68 -15.41
#